data_9MQZ
#
_entry.id   9MQZ
#
_cell.length_a   1.00
_cell.length_b   1.00
_cell.length_c   1.00
_cell.angle_alpha   90.00
_cell.angle_beta   90.00
_cell.angle_gamma   90.00
#
_symmetry.space_group_name_H-M   'P 1'
#
loop_
_entity.id
_entity.type
_entity.pdbx_description
1 polymer 'NADH:ubiquinone reductase (non-electrogenic)'
2 non-polymer 'FLAVIN-ADENINE DINUCLEOTIDE'
3 non-polymer N-cyclohexyl-2-[(4-oxo-1,4-dihydroquinazolin-2-yl)sulfanyl]acetamide
#
_entity_poly.entity_id   1
_entity_poly.type   'polypeptide(L)'
_entity_poly.pdbx_seq_one_letter_code
;MSHPGATASDRHKVVIIGSGFGGLTAAKTLKRADVDVKLIARTTHHLFQPLLYQVATGIISEGEIAPATRVILRKQKNAQ
VLLGDVTHIDLENKTVDSVLLGHTYSTPYDSLIIAAGAGQSYFGNDHFAEFAPGMKSIDDALELRGRILGAFEQAERSSD
PVRRAKLLTFTVVGAGPTGVEMAGQIAELADQTLRGSFRHIDPTEARVILLDAAPAVLPPMGEKLGKKARARLEKMGVEV
QLGAMVTDVDRNGITVKDSDGTIRRIESACKVWSAGVSASPLGKDLAEQSGVELDRAGRVKVQPDLTLPGHPNVFVVGDM
AAVEGVPGVAQGAIQGGRYAAKIIKREVSGTSPKIRTPFEYFDKGSMATVSRFSAVAKVGPVEFAGFFAWLCWLVLHLVY
LVGFKTKIVTLLSWGVTFLSTKRGQLTITEQQAYARTRIEELEEIAAAVQDTEKAASGLSGQPPRSPSSGSSDYKDHDGD
YKDHDIDYKDDDDK
;
_entity_poly.pdbx_strand_id   A,B
#
# COMPACT_ATOMS: atom_id res chain seq x y z
N SER A 2 -24.95 18.26 -19.27
CA SER A 2 -23.98 17.42 -18.49
C SER A 2 -24.66 16.78 -17.27
N HIS A 3 -24.14 15.64 -16.84
CA HIS A 3 -24.81 14.87 -15.78
C HIS A 3 -24.71 15.57 -14.44
N PRO A 4 -25.81 15.74 -13.71
CA PRO A 4 -25.72 16.00 -12.28
C PRO A 4 -25.24 14.77 -11.53
N GLY A 5 -23.98 14.78 -11.11
CA GLY A 5 -23.34 13.59 -10.59
C GLY A 5 -23.70 13.29 -9.16
N ALA A 6 -24.96 13.55 -8.80
CA ALA A 6 -25.42 13.39 -7.44
C ALA A 6 -26.94 13.38 -7.45
N THR A 7 -27.52 12.95 -6.34
CA THR A 7 -28.97 12.98 -6.25
C THR A 7 -29.47 14.42 -6.17
N ALA A 8 -30.62 14.66 -6.78
CA ALA A 8 -31.26 15.97 -6.75
C ALA A 8 -32.02 16.17 -5.45
N SER A 9 -32.39 17.42 -5.17
CA SER A 9 -33.17 17.70 -3.98
C SER A 9 -33.84 19.06 -4.14
N ASP A 10 -34.89 19.28 -3.36
CA ASP A 10 -35.53 20.58 -3.24
C ASP A 10 -34.98 21.42 -2.11
N ARG A 11 -34.11 20.86 -1.27
CA ARG A 11 -33.51 21.60 -0.17
C ARG A 11 -32.54 22.66 -0.69
N HIS A 12 -32.06 23.47 0.25
CA HIS A 12 -30.84 24.23 0.06
C HIS A 12 -29.66 23.28 -0.11
N LYS A 13 -28.85 23.51 -1.15
CA LYS A 13 -27.79 22.59 -1.56
C LYS A 13 -26.42 23.16 -1.20
N VAL A 14 -25.66 22.41 -0.40
CA VAL A 14 -24.30 22.75 -0.01
C VAL A 14 -23.34 21.77 -0.70
N VAL A 15 -22.38 22.30 -1.45
CA VAL A 15 -21.28 21.48 -1.98
C VAL A 15 -20.03 21.74 -1.17
N ILE A 16 -19.30 20.67 -0.85
CA ILE A 16 -18.03 20.73 -0.14
C ILE A 16 -16.97 20.07 -1.01
N ILE A 17 -15.80 20.70 -1.09
CA ILE A 17 -14.66 20.17 -1.83
C ILE A 17 -13.58 19.77 -0.84
N GLY A 18 -13.20 18.49 -0.89
CA GLY A 18 -12.09 17.98 -0.10
C GLY A 18 -12.44 17.21 1.14
N SER A 19 -11.83 16.03 1.26
CA SER A 19 -12.01 15.15 2.41
C SER A 19 -11.11 15.51 3.58
N GLY A 20 -10.29 16.54 3.46
CA GLY A 20 -9.39 16.92 4.52
C GLY A 20 -10.10 17.55 5.70
N PHE A 21 -9.30 18.00 6.67
CA PHE A 21 -9.82 18.57 7.90
C PHE A 21 -11.00 19.51 7.66
N GLY A 22 -10.77 20.61 6.94
CA GLY A 22 -11.76 21.66 6.80
C GLY A 22 -13.12 21.21 6.27
N GLY A 23 -13.11 20.63 5.07
CA GLY A 23 -14.35 20.21 4.45
C GLY A 23 -15.09 19.15 5.25
N LEU A 24 -14.36 18.16 5.77
CA LEU A 24 -15.01 17.13 6.58
C LEU A 24 -15.55 17.69 7.88
N THR A 25 -14.86 18.69 8.46
CA THR A 25 -15.39 19.34 9.65
C THR A 25 -16.65 20.13 9.37
N ALA A 26 -16.71 20.81 8.23
CA ALA A 26 -17.95 21.47 7.83
C ALA A 26 -19.06 20.45 7.63
N ALA A 27 -18.75 19.34 6.95
CA ALA A 27 -19.74 18.29 6.74
C ALA A 27 -20.28 17.77 8.06
N LYS A 28 -19.38 17.44 9.00
CA LYS A 28 -19.82 16.96 10.30
C LYS A 28 -20.57 18.03 11.07
N THR A 29 -20.24 19.31 10.85
CA THR A 29 -20.91 20.38 11.55
C THR A 29 -22.34 20.59 11.04
N LEU A 30 -22.61 20.22 9.79
CA LEU A 30 -23.95 20.37 9.23
C LEU A 30 -24.89 19.21 9.56
N LYS A 31 -24.52 18.32 10.48
CA LYS A 31 -25.23 17.06 10.65
C LYS A 31 -26.73 17.25 10.93
N ARG A 32 -27.14 18.37 11.53
CA ARG A 32 -28.55 18.64 11.74
C ARG A 32 -29.05 19.90 11.03
N ALA A 33 -28.27 20.49 10.14
CA ALA A 33 -28.75 21.65 9.41
C ALA A 33 -29.74 21.17 8.37
N ASP A 34 -30.72 22.04 8.06
CA ASP A 34 -31.73 21.71 7.05
C ASP A 34 -31.20 21.95 5.64
N VAL A 35 -30.09 21.28 5.34
CA VAL A 35 -29.43 21.36 4.06
C VAL A 35 -29.06 19.94 3.64
N ASP A 36 -28.89 19.74 2.33
CA ASP A 36 -28.32 18.52 1.82
C ASP A 36 -26.90 18.82 1.34
N VAL A 37 -25.94 18.03 1.83
CA VAL A 37 -24.53 18.30 1.66
C VAL A 37 -23.95 17.29 0.67
N LYS A 38 -23.19 17.78 -0.30
CA LYS A 38 -22.48 16.93 -1.25
C LYS A 38 -20.99 17.22 -1.16
N LEU A 39 -20.21 16.20 -0.79
CA LEU A 39 -18.78 16.33 -0.52
C LEU A 39 -17.98 15.63 -1.62
N ILE A 40 -17.28 16.42 -2.43
CA ILE A 40 -16.51 15.91 -3.57
C ILE A 40 -15.04 15.95 -3.18
N ALA A 41 -14.35 14.82 -3.31
CA ALA A 41 -12.96 14.73 -2.93
C ALA A 41 -12.20 13.80 -3.87
N ARG A 42 -10.93 14.12 -4.09
CA ARG A 42 -10.11 13.34 -5.03
C ARG A 42 -9.89 11.90 -4.56
N THR A 43 -10.01 11.63 -3.27
CA THR A 43 -9.71 10.30 -2.75
C THR A 43 -10.69 9.97 -1.63
N THR A 44 -10.90 8.67 -1.43
CA THR A 44 -11.88 8.21 -0.45
C THR A 44 -11.46 8.50 0.99
N HIS A 45 -10.17 8.55 1.28
CA HIS A 45 -9.73 8.65 2.67
C HIS A 45 -9.64 10.08 3.17
N HIS A 46 -9.78 10.23 4.49
CA HIS A 46 -9.48 11.46 5.23
C HIS A 46 -8.07 11.34 5.79
N LEU A 47 -7.09 11.86 5.05
CA LEU A 47 -5.69 11.60 5.33
C LEU A 47 -5.18 12.43 6.50
N PHE A 48 -4.86 11.75 7.61
CA PHE A 48 -4.38 12.36 8.83
C PHE A 48 -2.89 12.65 8.65
N GLN A 49 -2.60 13.70 7.89
CA GLN A 49 -1.25 14.02 7.47
C GLN A 49 -0.19 14.16 8.57
N PRO A 50 -0.53 14.55 9.79
CA PRO A 50 0.53 14.68 10.80
C PRO A 50 1.38 13.43 10.95
N LEU A 51 0.77 12.25 10.90
CA LEU A 51 1.48 10.99 11.08
C LEU A 51 2.02 10.44 9.77
N LEU A 52 1.86 11.16 8.66
CA LEU A 52 2.20 10.62 7.36
C LEU A 52 3.67 10.18 7.29
N TYR A 53 4.56 10.89 8.00
CA TYR A 53 5.96 10.49 8.07
C TYR A 53 6.16 9.12 8.73
N GLN A 54 5.24 8.68 9.59
CA GLN A 54 5.41 7.38 10.22
C GLN A 54 5.14 6.25 9.24
N VAL A 55 4.10 6.40 8.43
CA VAL A 55 3.86 5.40 7.38
C VAL A 55 4.95 5.51 6.33
N ALA A 56 5.37 6.74 6.01
CA ALA A 56 6.52 6.90 5.12
C ALA A 56 7.80 6.30 5.70
N THR A 57 7.84 5.97 7.00
CA THR A 57 8.97 5.26 7.57
C THR A 57 8.54 3.98 8.29
N GLY A 58 7.43 3.38 7.86
CA GLY A 58 7.09 2.01 8.19
C GLY A 58 6.59 1.76 9.60
N ILE A 59 6.36 2.81 10.39
CA ILE A 59 5.91 2.59 11.77
C ILE A 59 4.44 2.15 11.78
N ILE A 60 3.64 2.58 10.82
CA ILE A 60 2.19 2.45 10.88
C ILE A 60 1.66 2.36 9.45
N SER A 61 0.46 1.80 9.30
CA SER A 61 -0.10 1.56 7.98
C SER A 61 -1.17 2.60 7.65
N GLU A 62 -1.44 2.70 6.35
CA GLU A 62 -2.64 3.35 5.83
C GLU A 62 -3.90 2.68 6.38
N GLY A 63 -5.00 3.41 6.31
CA GLY A 63 -6.25 2.98 6.92
C GLY A 63 -6.25 3.09 8.43
N GLU A 64 -5.07 3.03 9.05
CA GLU A 64 -4.94 3.61 10.39
C GLU A 64 -4.80 5.13 10.32
N ILE A 65 -3.92 5.61 9.45
CA ILE A 65 -3.80 7.04 9.20
C ILE A 65 -4.90 7.60 8.30
N ALA A 66 -5.60 6.76 7.54
CA ALA A 66 -6.44 7.23 6.44
C ALA A 66 -7.79 6.54 6.44
N PRO A 67 -8.62 6.83 7.43
CA PRO A 67 -10.00 6.32 7.45
C PRO A 67 -10.74 6.66 6.15
N ALA A 68 -11.66 5.78 5.76
CA ALA A 68 -12.51 6.07 4.61
C ALA A 68 -13.57 7.09 4.98
N THR A 69 -13.58 8.23 4.27
CA THR A 69 -14.51 9.32 4.56
C THR A 69 -15.95 8.87 4.46
N ARG A 70 -16.26 8.03 3.47
CA ARG A 70 -17.58 7.49 3.26
C ARG A 70 -18.11 6.72 4.48
N VAL A 71 -17.23 6.15 5.28
CA VAL A 71 -17.65 5.44 6.48
C VAL A 71 -17.86 6.40 7.66
N ILE A 72 -17.02 7.43 7.76
CA ILE A 72 -17.17 8.41 8.84
C ILE A 72 -18.57 9.02 8.81
N LEU A 73 -19.04 9.43 7.64
CA LEU A 73 -20.35 10.06 7.48
C LEU A 73 -21.50 9.08 7.32
N ARG A 74 -21.29 7.78 7.61
CA ARG A 74 -22.31 6.78 7.32
C ARG A 74 -23.65 7.17 7.91
N LYS A 75 -23.67 7.59 9.17
CA LYS A 75 -24.91 7.92 9.85
C LYS A 75 -25.52 9.24 9.43
N GLN A 76 -24.79 10.11 8.72
CA GLN A 76 -25.29 11.45 8.41
C GLN A 76 -26.20 11.38 7.19
N LYS A 77 -27.49 11.18 7.45
CA LYS A 77 -28.46 10.84 6.40
C LYS A 77 -28.57 11.89 5.31
N ASN A 78 -28.21 13.15 5.57
CA ASN A 78 -28.30 14.21 4.57
C ASN A 78 -27.01 14.47 3.78
N ALA A 79 -25.91 13.80 4.11
CA ALA A 79 -24.62 14.06 3.48
C ALA A 79 -24.28 12.93 2.52
N GLN A 80 -24.01 13.27 1.26
CA GLN A 80 -23.61 12.32 0.23
C GLN A 80 -22.15 12.57 -0.14
N VAL A 81 -21.29 11.59 0.13
CA VAL A 81 -19.90 11.62 -0.31
C VAL A 81 -19.81 11.21 -1.77
N LEU A 82 -18.95 11.89 -2.53
CA LEU A 82 -18.75 11.60 -3.94
C LEU A 82 -17.25 11.56 -4.23
N LEU A 83 -16.81 10.54 -4.96
CA LEU A 83 -15.47 10.51 -5.48
C LEU A 83 -15.38 11.37 -6.74
N GLY A 84 -14.30 12.11 -6.85
CA GLY A 84 -14.03 12.82 -8.09
C GLY A 84 -13.05 13.95 -7.89
N ASP A 85 -12.44 14.36 -9.00
CA ASP A 85 -11.53 15.48 -9.06
C ASP A 85 -12.25 16.68 -9.66
N VAL A 86 -12.25 17.79 -8.95
CA VAL A 86 -12.89 19.00 -9.45
C VAL A 86 -12.03 19.59 -10.57
N THR A 87 -12.59 19.65 -11.77
CA THR A 87 -11.89 20.19 -12.93
C THR A 87 -12.09 21.69 -13.07
N HIS A 88 -13.28 22.19 -12.73
CA HIS A 88 -13.62 23.59 -12.91
C HIS A 88 -14.75 23.93 -11.95
N ILE A 89 -14.85 25.22 -11.63
CA ILE A 89 -15.93 25.76 -10.81
C ILE A 89 -16.50 26.98 -11.50
N ASP A 90 -17.83 27.04 -11.59
CA ASP A 90 -18.53 28.15 -12.24
C ASP A 90 -19.28 28.96 -11.18
N LEU A 91 -18.89 30.23 -11.01
CA LEU A 91 -19.50 31.08 -9.99
C LEU A 91 -20.81 31.71 -10.45
N GLU A 92 -21.08 31.75 -11.76
CA GLU A 92 -22.29 32.35 -12.30
C GLU A 92 -23.35 31.32 -12.66
N ASN A 93 -22.94 30.17 -13.18
CA ASN A 93 -23.89 29.08 -13.39
C ASN A 93 -24.09 28.26 -12.11
N LYS A 94 -23.27 28.51 -11.08
CA LYS A 94 -23.40 27.84 -9.79
C LYS A 94 -23.29 26.32 -9.93
N THR A 95 -22.29 25.86 -10.68
CA THR A 95 -22.03 24.44 -10.81
C THR A 95 -20.57 24.16 -10.47
N VAL A 96 -20.33 22.99 -9.90
CA VAL A 96 -18.99 22.42 -9.73
C VAL A 96 -18.81 21.28 -10.71
N ASP A 97 -17.76 21.35 -11.53
CA ASP A 97 -17.54 20.43 -12.63
C ASP A 97 -16.34 19.53 -12.32
N SER A 98 -16.57 18.22 -12.32
CA SER A 98 -15.57 17.27 -11.82
C SER A 98 -15.60 16.03 -12.69
N VAL A 99 -14.49 15.28 -12.64
CA VAL A 99 -14.28 14.13 -13.51
C VAL A 99 -13.93 12.92 -12.65
N LEU A 100 -14.39 11.74 -13.07
CA LEU A 100 -14.02 10.48 -12.43
C LEU A 100 -13.88 9.43 -13.53
N LEU A 101 -12.65 8.96 -13.73
CA LEU A 101 -12.32 7.90 -14.68
C LEU A 101 -12.98 8.15 -16.03
N GLY A 102 -12.79 9.36 -16.55
CA GLY A 102 -13.27 9.73 -17.86
C GLY A 102 -14.71 10.18 -17.95
N HIS A 103 -15.49 10.04 -16.89
CA HIS A 103 -16.82 10.62 -16.82
C HIS A 103 -16.78 12.01 -16.19
N THR A 104 -17.71 12.85 -16.62
CA THR A 104 -17.77 14.25 -16.23
C THR A 104 -19.13 14.58 -15.63
N TYR A 105 -19.13 15.40 -14.58
CA TYR A 105 -20.33 15.74 -13.83
C TYR A 105 -20.34 17.23 -13.57
N SER A 106 -21.54 17.79 -13.34
CA SER A 106 -21.74 19.23 -13.22
C SER A 106 -22.73 19.45 -12.07
N THR A 107 -22.24 19.28 -10.85
CA THR A 107 -23.09 19.37 -9.66
C THR A 107 -23.44 20.81 -9.33
N PRO A 108 -24.72 21.17 -9.21
CA PRO A 108 -25.08 22.53 -8.80
C PRO A 108 -24.90 22.72 -7.30
N TYR A 109 -24.70 23.98 -6.91
CA TYR A 109 -24.61 24.32 -5.50
C TYR A 109 -25.35 25.62 -5.24
N ASP A 110 -25.93 25.70 -4.05
CA ASP A 110 -26.45 26.96 -3.53
C ASP A 110 -25.42 27.67 -2.66
N SER A 111 -24.59 26.91 -1.95
CA SER A 111 -23.47 27.42 -1.19
C SER A 111 -22.30 26.46 -1.39
N LEU A 112 -21.08 26.99 -1.28
CA LEU A 112 -19.89 26.22 -1.59
C LEU A 112 -18.86 26.34 -0.49
N ILE A 113 -18.30 25.20 -0.08
CA ILE A 113 -17.15 25.16 0.82
C ILE A 113 -15.94 24.62 0.06
N ILE A 114 -15.15 25.51 -0.53
CA ILE A 114 -13.92 25.12 -1.21
C ILE A 114 -12.85 24.90 -0.14
N ALA A 115 -12.45 23.64 0.06
CA ALA A 115 -11.47 23.27 1.08
C ALA A 115 -10.41 22.35 0.53
N ALA A 116 -10.10 22.45 -0.77
CA ALA A 116 -8.97 21.71 -1.31
C ALA A 116 -7.67 22.22 -0.71
N GLY A 117 -6.64 21.37 -0.74
CA GLY A 117 -5.45 21.61 0.04
C GLY A 117 -4.50 22.57 -0.64
N ALA A 118 -3.37 22.82 0.03
CA ALA A 118 -2.17 23.34 -0.59
C ALA A 118 -1.03 22.35 -0.41
N GLY A 119 -0.23 22.16 -1.45
CA GLY A 119 0.87 21.23 -1.42
C GLY A 119 2.22 21.91 -1.30
N GLN A 120 3.27 21.11 -1.45
CA GLN A 120 4.62 21.61 -1.60
C GLN A 120 4.75 22.54 -2.80
N SER A 121 5.89 23.23 -2.86
CA SER A 121 6.28 24.02 -4.02
C SER A 121 7.76 23.80 -4.30
N TYR A 122 8.09 23.68 -5.58
CA TYR A 122 9.47 23.64 -6.08
C TYR A 122 9.94 25.00 -6.56
N PHE A 123 9.18 26.06 -6.30
CA PHE A 123 9.52 27.42 -6.70
C PHE A 123 9.75 27.53 -8.20
N GLY A 124 9.01 26.76 -8.99
CA GLY A 124 9.11 26.80 -10.44
C GLY A 124 10.10 25.83 -11.06
N ASN A 125 10.99 25.24 -10.27
CA ASN A 125 11.88 24.21 -10.78
C ASN A 125 11.15 22.87 -10.82
N ASP A 126 9.96 22.86 -11.43
CA ASP A 126 9.06 21.71 -11.33
C ASP A 126 9.65 20.43 -11.90
N HIS A 127 10.60 20.52 -12.82
CA HIS A 127 11.32 19.35 -13.30
C HIS A 127 12.19 18.69 -12.24
N PHE A 128 12.16 19.17 -11.00
CA PHE A 128 12.70 18.39 -9.89
C PHE A 128 11.79 17.25 -9.45
N ALA A 129 10.49 17.30 -9.74
CA ALA A 129 9.56 16.41 -9.07
C ALA A 129 9.83 14.94 -9.33
N GLU A 130 10.35 14.59 -10.52
CA GLU A 130 10.70 13.20 -10.77
C GLU A 130 11.96 12.75 -10.03
N PHE A 131 12.80 13.70 -9.61
CA PHE A 131 14.05 13.37 -8.92
C PHE A 131 13.98 13.59 -7.42
N ALA A 132 13.08 14.45 -6.95
CA ALA A 132 12.86 14.68 -5.53
C ALA A 132 11.35 14.63 -5.32
N PRO A 133 10.78 13.44 -5.13
CA PRO A 133 9.35 13.32 -4.86
C PRO A 133 8.91 14.21 -3.71
N GLY A 134 7.66 14.64 -3.78
CA GLY A 134 7.09 15.42 -2.71
C GLY A 134 6.62 14.57 -1.55
N MET A 135 5.50 14.98 -0.96
CA MET A 135 4.88 14.30 0.17
C MET A 135 3.37 14.55 0.05
N LYS A 136 2.66 14.43 1.16
CA LYS A 136 1.25 14.83 1.25
C LYS A 136 0.33 13.90 0.46
N SER A 137 0.70 12.64 0.27
CA SER A 137 -0.32 11.65 -0.03
C SER A 137 0.16 10.27 0.44
N ILE A 138 -0.79 9.35 0.56
CA ILE A 138 -0.46 7.96 0.86
C ILE A 138 0.49 7.41 -0.20
N ASP A 139 0.25 7.76 -1.46
CA ASP A 139 1.12 7.29 -2.54
C ASP A 139 2.53 7.85 -2.43
N ASP A 140 2.66 9.12 -2.03
CA ASP A 140 3.97 9.70 -1.81
C ASP A 140 4.68 9.06 -0.62
N ALA A 141 3.93 8.75 0.44
CA ALA A 141 4.54 8.07 1.58
C ALA A 141 5.03 6.67 1.22
N LEU A 142 4.20 5.89 0.52
CA LEU A 142 4.63 4.58 0.07
C LEU A 142 5.80 4.64 -0.91
N GLU A 143 5.80 5.63 -1.80
CA GLU A 143 6.95 5.86 -2.68
C GLU A 143 8.23 6.13 -1.89
N LEU A 144 8.17 7.04 -0.91
CA LEU A 144 9.37 7.31 -0.11
C LEU A 144 9.84 6.08 0.66
N ARG A 145 8.91 5.32 1.27
CA ARG A 145 9.30 4.09 1.95
C ARG A 145 10.00 3.13 0.99
N GLY A 146 9.49 3.04 -0.24
CA GLY A 146 10.14 2.26 -1.27
C GLY A 146 11.55 2.71 -1.58
N ARG A 147 11.72 3.99 -1.88
CA ARG A 147 13.03 4.46 -2.33
C ARG A 147 14.05 4.47 -1.18
N ILE A 148 13.58 4.67 0.05
CA ILE A 148 14.45 4.58 1.21
C ILE A 148 14.97 3.16 1.37
N LEU A 149 14.08 2.19 1.58
CA LEU A 149 14.58 0.84 1.84
C LEU A 149 15.29 0.27 0.60
N GLY A 150 14.79 0.59 -0.59
CA GLY A 150 15.43 0.13 -1.80
C GLY A 150 16.80 0.74 -2.02
N ALA A 151 17.13 1.83 -1.33
CA ALA A 151 18.50 2.32 -1.44
C ALA A 151 19.45 1.38 -0.72
N PHE A 152 19.10 0.96 0.50
CA PHE A 152 19.95 0.00 1.19
C PHE A 152 20.03 -1.32 0.43
N GLU A 153 18.90 -1.74 -0.14
CA GLU A 153 18.90 -2.97 -0.94
C GLU A 153 19.85 -2.88 -2.14
N GLN A 154 19.87 -1.73 -2.82
CA GLN A 154 20.82 -1.58 -3.91
C GLN A 154 22.25 -1.41 -3.36
N ALA A 155 22.37 -0.82 -2.18
CA ALA A 155 23.67 -0.53 -1.59
C ALA A 155 24.44 -1.78 -1.21
N GLU A 156 23.77 -2.84 -0.75
CA GLU A 156 24.53 -4.04 -0.43
C GLU A 156 25.13 -4.70 -1.66
N ARG A 157 24.40 -4.77 -2.77
CA ARG A 157 24.92 -5.47 -3.93
C ARG A 157 25.98 -4.69 -4.68
N SER A 158 26.01 -3.36 -4.54
CA SER A 158 26.93 -2.53 -5.32
C SER A 158 28.37 -2.68 -4.83
N SER A 159 29.27 -3.07 -5.75
CA SER A 159 30.69 -3.19 -5.45
C SER A 159 31.38 -1.83 -5.31
N ASP A 160 31.00 -0.84 -6.11
CA ASP A 160 31.72 0.44 -6.12
C ASP A 160 31.48 1.24 -4.84
N PRO A 161 32.53 1.58 -4.08
CA PRO A 161 32.33 2.43 -2.89
C PRO A 161 31.68 3.77 -3.17
N VAL A 162 32.00 4.39 -4.31
CA VAL A 162 31.36 5.66 -4.66
C VAL A 162 29.86 5.47 -4.83
N ARG A 163 29.45 4.38 -5.46
CA ARG A 163 28.03 4.10 -5.60
C ARG A 163 27.35 3.77 -4.27
N ARG A 164 28.01 3.01 -3.40
CA ARG A 164 27.43 2.80 -2.07
C ARG A 164 27.26 4.10 -1.32
N ALA A 165 28.28 4.97 -1.35
CA ALA A 165 28.17 6.29 -0.74
C ALA A 165 27.03 7.09 -1.32
N LYS A 166 26.86 7.06 -2.65
CA LYS A 166 25.75 7.76 -3.28
C LYS A 166 24.41 7.20 -2.83
N LEU A 167 24.30 5.87 -2.71
CA LEU A 167 23.04 5.27 -2.30
C LEU A 167 22.75 5.51 -0.81
N LEU A 168 23.77 5.44 0.04
CA LEU A 168 23.59 5.59 1.48
C LEU A 168 23.56 7.03 1.97
N THR A 169 23.49 8.01 1.07
CA THR A 169 23.34 9.40 1.47
C THR A 169 21.94 9.87 1.11
N PHE A 170 21.16 10.20 2.14
CA PHE A 170 19.79 10.64 1.99
C PHE A 170 19.73 12.15 2.20
N THR A 171 19.07 12.86 1.29
CA THR A 171 18.94 14.31 1.35
C THR A 171 17.50 14.74 1.54
N VAL A 172 17.25 15.53 2.59
CA VAL A 172 15.95 16.11 2.89
C VAL A 172 16.06 17.61 2.64
N VAL A 173 15.14 18.15 1.84
CA VAL A 173 15.16 19.56 1.47
C VAL A 173 14.02 20.26 2.19
N GLY A 174 14.35 21.39 2.82
CA GLY A 174 13.41 22.13 3.64
C GLY A 174 13.45 21.68 5.09
N ALA A 175 13.45 22.65 6.00
CA ALA A 175 13.55 22.39 7.44
C ALA A 175 12.29 22.84 8.18
N GLY A 176 11.14 22.82 7.50
CA GLY A 176 9.88 22.81 8.18
C GLY A 176 9.61 21.51 8.91
N PRO A 177 8.45 21.45 9.57
CA PRO A 177 8.13 20.27 10.38
C PRO A 177 8.32 18.96 9.64
N THR A 178 7.85 18.91 8.40
CA THR A 178 7.96 17.70 7.59
C THR A 178 9.42 17.31 7.36
N GLY A 179 10.29 18.28 7.10
CA GLY A 179 11.69 17.98 6.90
C GLY A 179 12.39 17.47 8.15
N VAL A 180 12.12 18.08 9.30
CA VAL A 180 12.72 17.62 10.54
C VAL A 180 12.22 16.23 10.90
N GLU A 181 10.93 15.99 10.69
CA GLU A 181 10.35 14.66 10.87
C GLU A 181 11.04 13.62 9.99
N MET A 182 11.12 13.89 8.69
CA MET A 182 11.67 12.91 7.77
C MET A 182 13.15 12.64 8.02
N ALA A 183 13.95 13.70 8.21
CA ALA A 183 15.35 13.49 8.52
C ALA A 183 15.53 12.72 9.83
N GLY A 184 14.69 13.02 10.82
CA GLY A 184 14.72 12.31 12.08
C GLY A 184 14.44 10.83 11.95
N GLN A 185 13.32 10.48 11.32
CA GLN A 185 12.99 9.07 11.20
C GLN A 185 13.95 8.33 10.29
N ILE A 186 14.38 8.93 9.18
CA ILE A 186 15.32 8.22 8.31
C ILE A 186 16.64 7.96 9.03
N ALA A 187 17.10 8.94 9.83
CA ALA A 187 18.29 8.72 10.64
C ALA A 187 18.10 7.63 11.69
N GLU A 188 16.99 7.66 12.44
CA GLU A 188 16.80 6.66 13.47
C GLU A 188 16.59 5.27 12.88
N LEU A 189 15.88 5.20 11.75
CA LEU A 189 15.64 3.95 11.06
C LEU A 189 16.93 3.33 10.56
N ALA A 190 17.82 4.14 10.00
CA ALA A 190 19.10 3.61 9.55
C ALA A 190 20.03 3.29 10.72
N ASP A 191 19.91 4.02 11.83
CA ASP A 191 20.74 3.77 13.02
C ASP A 191 20.25 2.61 13.88
N GLN A 192 18.93 2.36 13.93
CA GLN A 192 18.38 1.35 14.84
C GLN A 192 17.72 0.18 14.12
N THR A 193 16.67 0.41 13.33
CA THR A 193 15.87 -0.69 12.81
C THR A 193 16.69 -1.58 11.87
N LEU A 194 17.51 -0.99 11.02
CA LEU A 194 18.33 -1.75 10.08
C LEU A 194 19.64 -2.21 10.69
N ARG A 195 19.98 -1.78 11.90
CA ARG A 195 21.28 -2.07 12.48
C ARG A 195 21.51 -3.57 12.54
N GLY A 196 22.52 -4.05 11.82
CA GLY A 196 22.83 -5.46 11.81
C GLY A 196 22.01 -6.31 10.87
N SER A 197 21.07 -5.74 10.12
CA SER A 197 20.29 -6.50 9.16
C SER A 197 21.00 -6.61 7.82
N PHE A 198 22.24 -6.16 7.73
CA PHE A 198 22.97 -6.12 6.48
C PHE A 198 24.41 -6.50 6.75
N ARG A 199 25.08 -7.04 5.73
CA ARG A 199 26.35 -7.71 5.96
C ARG A 199 27.43 -7.23 5.01
N HIS A 200 27.05 -6.77 3.81
CA HIS A 200 28.01 -6.09 2.96
C HIS A 200 28.18 -4.61 3.31
N ILE A 201 27.23 -4.04 4.07
CA ILE A 201 27.24 -2.62 4.41
C ILE A 201 26.88 -2.51 5.89
N ASP A 202 27.19 -1.36 6.48
CA ASP A 202 26.71 -1.04 7.82
C ASP A 202 25.72 0.12 7.74
N PRO A 203 24.43 -0.09 8.00
CA PRO A 203 23.46 1.01 7.92
C PRO A 203 23.75 2.18 8.87
N THR A 204 24.51 1.97 9.94
CA THR A 204 24.88 3.10 10.79
C THR A 204 25.86 4.03 10.11
N GLU A 205 26.40 3.65 8.97
CA GLU A 205 27.17 4.53 8.11
C GLU A 205 26.31 5.35 7.14
N ALA A 206 24.98 5.19 7.18
CA ALA A 206 24.10 6.03 6.37
C ALA A 206 24.23 7.51 6.74
N ARG A 207 24.25 8.37 5.73
CA ARG A 207 24.44 9.80 5.90
C ARG A 207 23.14 10.50 5.55
N VAL A 208 22.60 11.27 6.50
CA VAL A 208 21.36 12.02 6.30
C VAL A 208 21.68 13.51 6.33
N ILE A 209 21.29 14.23 5.27
CA ILE A 209 21.55 15.66 5.12
C ILE A 209 20.22 16.40 5.08
N LEU A 210 20.07 17.41 5.94
CA LEU A 210 18.90 18.26 5.94
C LEU A 210 19.27 19.64 5.40
N LEU A 211 18.70 20.00 4.25
CA LEU A 211 19.02 21.26 3.57
C LEU A 211 17.85 22.22 3.75
N ASP A 212 18.15 23.48 4.07
CA ASP A 212 17.18 24.53 3.83
C ASP A 212 17.93 25.82 3.51
N ALA A 213 17.30 26.66 2.68
CA ALA A 213 17.77 28.02 2.47
C ALA A 213 17.38 28.98 3.59
N ALA A 214 16.35 28.65 4.36
CA ALA A 214 16.01 29.45 5.53
C ALA A 214 17.17 29.49 6.52
N PRO A 215 17.28 30.54 7.32
CA PRO A 215 18.40 30.68 8.25
C PRO A 215 18.27 29.86 9.52
N ALA A 216 17.10 29.32 9.84
CA ALA A 216 16.92 28.64 11.11
C ALA A 216 15.91 27.52 10.93
N VAL A 217 16.09 26.46 11.73
CA VAL A 217 15.18 25.33 11.75
C VAL A 217 13.87 25.71 12.44
N LEU A 218 12.77 25.19 11.91
CA LEU A 218 11.44 25.46 12.42
C LEU A 218 11.24 26.96 12.63
N PRO A 219 11.38 27.76 11.59
CA PRO A 219 11.41 29.22 11.74
C PRO A 219 10.21 29.77 12.50
N PRO A 220 9.00 29.21 12.33
CA PRO A 220 7.85 29.77 13.07
C PRO A 220 7.85 29.55 14.57
N MET A 221 8.79 28.79 15.14
CA MET A 221 8.86 28.64 16.59
C MET A 221 9.95 29.51 17.23
N GLY A 222 10.75 30.19 16.43
CA GLY A 222 11.81 31.05 16.94
C GLY A 222 13.04 30.31 17.44
N GLU A 223 14.02 31.11 17.84
CA GLU A 223 15.38 30.61 18.06
C GLU A 223 15.45 29.60 19.20
N LYS A 224 14.72 29.84 20.28
CA LYS A 224 14.88 29.03 21.50
C LYS A 224 14.49 27.57 21.29
N LEU A 225 13.44 27.31 20.51
CA LEU A 225 13.13 25.93 20.13
C LEU A 225 14.02 25.43 19.00
N GLY A 226 14.21 26.27 17.98
CA GLY A 226 14.98 25.85 16.80
C GLY A 226 16.38 25.39 17.13
N LYS A 227 17.09 26.13 17.99
CA LYS A 227 18.44 25.74 18.35
C LYS A 227 18.48 24.39 19.08
N LYS A 228 17.48 24.13 19.92
CA LYS A 228 17.41 22.85 20.60
C LYS A 228 17.09 21.72 19.64
N ALA A 229 16.15 21.95 18.72
CA ALA A 229 15.87 20.95 17.69
C ALA A 229 17.11 20.66 16.84
N ARG A 230 17.80 21.70 16.36
CA ARG A 230 19.03 21.47 15.62
C ARG A 230 20.06 20.69 16.42
N ALA A 231 20.24 21.04 17.70
CA ALA A 231 21.18 20.31 18.54
C ALA A 231 20.79 18.85 18.70
N ARG A 232 19.49 18.57 18.77
CA ARG A 232 19.05 17.18 18.76
C ARG A 232 19.31 16.49 17.43
N LEU A 233 19.05 17.16 16.32
CA LEU A 233 19.37 16.58 15.01
C LEU A 233 20.86 16.28 14.88
N GLU A 234 21.71 17.25 15.24
CA GLU A 234 23.16 17.03 15.19
C GLU A 234 23.63 15.96 16.17
N LYS A 235 22.98 15.81 17.32
CA LYS A 235 23.36 14.74 18.24
C LYS A 235 23.05 13.37 17.66
N MET A 236 21.98 13.25 16.87
CA MET A 236 21.73 12.04 16.12
C MET A 236 22.63 11.93 14.89
N GLY A 237 23.49 12.92 14.66
CA GLY A 237 24.40 12.92 13.54
C GLY A 237 23.84 13.38 12.21
N VAL A 238 22.63 13.93 12.18
CA VAL A 238 22.15 14.57 10.97
C VAL A 238 23.01 15.80 10.68
N GLU A 239 23.47 15.93 9.45
CA GLU A 239 24.19 17.13 9.01
C GLU A 239 23.18 18.19 8.61
N VAL A 240 22.91 19.13 9.50
CA VAL A 240 22.06 20.28 9.21
C VAL A 240 22.88 21.31 8.44
N GLN A 241 22.38 21.70 7.27
CA GLN A 241 23.03 22.74 6.47
C GLN A 241 21.98 23.80 6.15
N LEU A 242 22.30 25.04 6.48
CA LEU A 242 21.35 26.14 6.46
C LEU A 242 21.91 27.26 5.58
N GLY A 243 20.99 28.04 5.00
CA GLY A 243 21.38 29.04 4.01
C GLY A 243 21.87 28.49 2.70
N ALA A 244 21.59 27.23 2.40
CA ALA A 244 21.95 26.60 1.15
C ALA A 244 20.69 26.49 0.28
N MET A 245 20.71 27.10 -0.91
CA MET A 245 19.58 27.06 -1.81
C MET A 245 19.92 26.13 -2.97
N VAL A 246 18.93 25.33 -3.38
CA VAL A 246 19.11 24.37 -4.46
C VAL A 246 19.14 25.07 -5.81
N THR A 247 20.17 24.78 -6.61
CA THR A 247 20.26 25.25 -7.99
C THR A 247 19.85 24.20 -9.01
N ASP A 248 20.09 22.92 -8.75
CA ASP A 248 19.65 21.86 -9.65
C ASP A 248 19.51 20.55 -8.89
N VAL A 249 18.67 19.67 -9.42
CA VAL A 249 18.43 18.34 -8.84
C VAL A 249 18.40 17.31 -9.97
N ASP A 250 19.02 16.16 -9.73
CA ASP A 250 18.98 15.08 -10.71
C ASP A 250 19.00 13.72 -10.01
N ARG A 251 18.84 12.67 -10.82
CA ARG A 251 18.79 11.31 -10.29
C ARG A 251 20.05 10.92 -9.52
N ASN A 252 21.17 11.63 -9.72
CA ASN A 252 22.40 11.29 -8.99
C ASN A 252 22.68 12.16 -7.78
N GLY A 253 22.09 13.33 -7.65
CA GLY A 253 22.42 14.19 -6.53
C GLY A 253 21.74 15.54 -6.59
N ILE A 254 22.28 16.47 -5.82
CA ILE A 254 21.81 17.85 -5.76
C ILE A 254 23.02 18.78 -5.82
N THR A 255 22.89 19.85 -6.60
CA THR A 255 23.80 20.98 -6.51
C THR A 255 23.14 22.11 -5.73
N VAL A 256 23.88 22.70 -4.79
CA VAL A 256 23.38 23.79 -3.97
C VAL A 256 24.36 24.96 -4.07
N LYS A 257 23.84 26.17 -3.86
CA LYS A 257 24.68 27.35 -3.66
C LYS A 257 24.52 27.82 -2.23
N ASP A 258 25.65 27.92 -1.52
CA ASP A 258 25.68 28.44 -0.16
C ASP A 258 25.48 29.96 -0.15
N SER A 259 25.20 30.48 1.04
CA SER A 259 25.10 31.93 1.20
C SER A 259 26.39 32.67 0.86
N ASP A 260 27.55 32.01 0.94
CA ASP A 260 28.77 32.63 0.43
C ASP A 260 28.81 32.66 -1.09
N GLY A 261 27.83 32.10 -1.78
CA GLY A 261 27.81 32.10 -3.21
C GLY A 261 28.66 31.03 -3.84
N THR A 262 29.40 30.26 -3.03
CA THR A 262 30.17 29.16 -3.56
C THR A 262 29.23 28.03 -3.94
N ILE A 263 29.54 27.34 -5.04
CA ILE A 263 28.68 26.30 -5.59
C ILE A 263 29.29 24.94 -5.29
N ARG A 264 28.44 24.01 -4.87
CA ARG A 264 28.87 22.69 -4.43
C ARG A 264 27.74 21.70 -4.67
N ARG A 265 28.09 20.41 -4.70
CA ARG A 265 27.18 19.33 -5.07
C ARG A 265 27.05 18.30 -3.97
N ILE A 266 25.82 17.84 -3.76
CA ILE A 266 25.53 16.69 -2.91
C ILE A 266 25.24 15.50 -3.82
N GLU A 267 26.06 14.47 -3.72
CA GLU A 267 25.79 13.19 -4.39
C GLU A 267 24.86 12.38 -3.50
N SER A 268 23.67 12.06 -4.01
CA SER A 268 22.63 11.50 -3.15
C SER A 268 21.55 10.88 -4.02
N ALA A 269 21.32 9.58 -3.83
CA ALA A 269 20.32 8.88 -4.62
C ALA A 269 18.90 9.28 -4.23
N CYS A 270 18.59 9.24 -2.94
CA CYS A 270 17.24 9.47 -2.46
C CYS A 270 17.08 10.89 -1.95
N LYS A 271 16.09 11.58 -2.49
CA LYS A 271 15.82 12.98 -2.18
C LYS A 271 14.36 13.08 -1.77
N VAL A 272 14.12 13.76 -0.66
CA VAL A 272 12.79 14.10 -0.20
C VAL A 272 12.61 15.60 -0.35
N TRP A 273 11.54 16.03 -1.03
CA TRP A 273 11.25 17.44 -1.12
C TRP A 273 10.11 17.81 -0.19
N SER A 274 10.31 18.89 0.56
CA SER A 274 9.30 19.36 1.49
C SER A 274 9.29 20.88 1.66
N ALA A 275 10.11 21.62 0.92
CA ALA A 275 10.16 23.06 1.04
C ALA A 275 8.94 23.73 0.43
N GLY A 276 8.71 24.97 0.86
CA GLY A 276 7.67 25.83 0.31
C GLY A 276 6.24 25.37 0.46
N VAL A 277 5.31 26.13 -0.12
CA VAL A 277 3.90 25.75 -0.16
C VAL A 277 3.29 26.31 -1.44
N SER A 278 2.29 25.61 -1.97
CA SER A 278 1.64 26.01 -3.23
C SER A 278 0.19 25.56 -3.17
N ALA A 279 -0.73 26.54 -3.19
CA ALA A 279 -2.16 26.25 -3.19
C ALA A 279 -2.59 25.50 -4.43
N SER A 280 -3.62 24.66 -4.28
CA SER A 280 -4.17 23.93 -5.40
C SER A 280 -4.78 24.89 -6.44
N PRO A 281 -4.68 24.53 -7.74
CA PRO A 281 -4.97 25.48 -8.82
C PRO A 281 -6.37 26.09 -8.82
N LEU A 282 -7.33 25.55 -8.06
CA LEU A 282 -8.67 26.12 -8.02
C LEU A 282 -8.67 27.60 -7.71
N GLY A 283 -7.70 28.05 -6.93
CA GLY A 283 -7.58 29.47 -6.69
C GLY A 283 -7.45 30.28 -7.95
N LYS A 284 -6.87 29.71 -9.01
CA LYS A 284 -6.77 30.44 -10.27
C LYS A 284 -8.13 30.70 -10.92
N ASP A 285 -9.00 29.69 -10.97
CA ASP A 285 -10.32 29.91 -11.53
C ASP A 285 -11.12 30.88 -10.69
N LEU A 286 -10.91 30.86 -9.37
CA LEU A 286 -11.59 31.88 -8.57
C LEU A 286 -11.01 33.26 -8.85
N ALA A 287 -9.68 33.37 -8.95
CA ALA A 287 -9.07 34.65 -9.25
C ALA A 287 -9.56 35.22 -10.58
N GLU A 288 -9.76 34.36 -11.59
CA GLU A 288 -10.30 34.86 -12.86
C GLU A 288 -11.79 35.19 -12.84
N GLN A 289 -12.57 34.62 -11.92
CA GLN A 289 -14.00 34.91 -11.94
C GLN A 289 -14.39 35.98 -10.92
N SER A 290 -13.94 35.84 -9.69
CA SER A 290 -14.22 36.82 -8.65
C SER A 290 -13.23 37.98 -8.70
N GLY A 291 -12.06 37.79 -9.28
CA GLY A 291 -11.02 38.80 -9.23
C GLY A 291 -10.27 38.87 -7.92
N VAL A 292 -10.44 37.88 -7.04
CA VAL A 292 -9.79 37.91 -5.74
C VAL A 292 -8.28 37.86 -5.94
N GLU A 293 -7.56 38.53 -5.05
CA GLU A 293 -6.10 38.46 -5.08
C GLU A 293 -5.60 37.10 -4.61
N LEU A 294 -4.47 36.68 -5.17
CA LEU A 294 -3.73 35.53 -4.70
C LEU A 294 -2.38 35.98 -4.16
N ASP A 295 -1.93 35.32 -3.10
CA ASP A 295 -0.61 35.55 -2.54
C ASP A 295 0.46 34.90 -3.41
N ARG A 296 1.72 35.03 -2.97
CA ARG A 296 2.83 34.43 -3.69
C ARG A 296 2.72 32.92 -3.76
N ALA A 297 2.01 32.30 -2.83
CA ALA A 297 1.72 30.88 -2.86
C ALA A 297 0.42 30.55 -3.59
N GLY A 298 -0.29 31.56 -4.08
CA GLY A 298 -1.56 31.35 -4.75
C GLY A 298 -2.73 31.18 -3.83
N ARG A 299 -2.55 31.42 -2.53
CA ARG A 299 -3.66 31.32 -1.59
C ARG A 299 -4.59 32.52 -1.75
N VAL A 300 -5.88 32.26 -1.63
CA VAL A 300 -6.89 33.27 -1.85
C VAL A 300 -6.93 34.19 -0.65
N LYS A 301 -6.78 35.50 -0.89
CA LYS A 301 -6.97 36.49 0.17
C LYS A 301 -8.46 36.69 0.37
N VAL A 302 -9.06 35.73 1.09
CA VAL A 302 -10.48 35.78 1.29
C VAL A 302 -10.85 37.02 2.11
N GLN A 303 -12.12 37.39 2.01
CA GLN A 303 -12.68 38.45 2.82
C GLN A 303 -12.73 38.04 4.29
N PRO A 304 -13.01 39.00 5.19
CA PRO A 304 -13.03 38.68 6.61
C PRO A 304 -13.99 37.56 6.98
N ASP A 305 -15.02 37.30 6.17
CA ASP A 305 -15.91 36.18 6.38
C ASP A 305 -15.56 34.97 5.51
N LEU A 306 -14.33 34.90 5.00
CA LEU A 306 -13.84 33.83 4.15
C LEU A 306 -14.59 33.72 2.82
N THR A 307 -15.48 34.65 2.51
CA THR A 307 -16.16 34.58 1.24
C THR A 307 -15.28 35.12 0.11
N LEU A 308 -15.67 34.77 -1.12
CA LEU A 308 -15.09 35.46 -2.25
C LEU A 308 -15.71 36.85 -2.36
N PRO A 309 -14.93 37.88 -2.66
CA PRO A 309 -15.52 39.17 -3.02
C PRO A 309 -16.56 38.99 -4.12
N GLY A 310 -17.73 39.57 -3.90
CA GLY A 310 -18.83 39.51 -4.84
C GLY A 310 -19.63 38.23 -4.87
N HIS A 311 -19.18 37.14 -4.22
CA HIS A 311 -19.95 35.90 -4.16
C HIS A 311 -20.04 35.47 -2.71
N PRO A 312 -20.93 36.10 -1.94
CA PRO A 312 -21.30 35.56 -0.64
C PRO A 312 -21.68 34.08 -0.68
N ASN A 313 -21.52 33.43 0.47
CA ASN A 313 -21.80 32.01 0.67
C ASN A 313 -21.06 31.10 -0.30
N VAL A 314 -20.03 31.61 -0.99
CA VAL A 314 -18.95 30.77 -1.49
C VAL A 314 -17.77 31.03 -0.57
N PHE A 315 -17.33 29.98 0.13
CA PHE A 315 -16.27 30.11 1.12
C PHE A 315 -15.02 29.36 0.65
N VAL A 316 -13.86 29.99 0.79
CA VAL A 316 -12.57 29.33 0.63
C VAL A 316 -11.97 29.23 2.02
N VAL A 317 -11.54 28.04 2.41
CA VAL A 317 -11.22 27.74 3.80
C VAL A 317 -10.12 26.71 3.87
N GLY A 318 -9.43 26.70 5.01
CA GLY A 318 -8.28 25.84 5.20
C GLY A 318 -7.05 26.38 4.48
N ASP A 319 -6.14 25.46 4.15
CA ASP A 319 -4.84 25.87 3.65
C ASP A 319 -4.92 26.61 2.32
N MET A 320 -6.04 26.49 1.59
CA MET A 320 -6.22 27.29 0.39
C MET A 320 -6.42 28.76 0.71
N ALA A 321 -6.86 29.09 1.92
CA ALA A 321 -7.20 30.45 2.29
C ALA A 321 -5.96 31.13 2.86
N ALA A 322 -5.67 32.32 2.36
CA ALA A 322 -4.75 33.25 3.01
C ALA A 322 -5.51 34.17 3.95
N VAL A 323 -5.17 34.10 5.23
CA VAL A 323 -5.66 35.02 6.25
C VAL A 323 -4.44 35.46 7.05
N GLU A 324 -4.35 36.75 7.33
CA GLU A 324 -3.19 37.29 8.01
C GLU A 324 -3.04 36.69 9.41
N GLY A 325 -1.80 36.34 9.76
CA GLY A 325 -1.50 35.69 11.03
C GLY A 325 -1.84 34.22 11.12
N VAL A 326 -2.99 33.82 10.59
CA VAL A 326 -3.45 32.44 10.72
C VAL A 326 -2.48 31.49 10.04
N PRO A 327 -1.82 30.59 10.76
CA PRO A 327 -0.85 29.70 10.14
C PRO A 327 -1.54 28.53 9.43
N GLY A 328 -0.80 27.94 8.51
CA GLY A 328 -1.25 26.77 7.77
C GLY A 328 -1.17 25.48 8.57
N VAL A 329 -2.08 25.29 9.53
CA VAL A 329 -2.07 24.14 10.41
C VAL A 329 -3.49 23.59 10.53
N ALA A 330 -3.60 22.40 11.12
CA ALA A 330 -4.88 21.72 11.22
C ALA A 330 -5.94 22.61 11.88
N GLN A 331 -5.67 23.04 13.12
CA GLN A 331 -6.72 23.73 13.86
C GLN A 331 -7.24 24.95 13.12
N GLY A 332 -6.46 25.49 12.19
CA GLY A 332 -6.96 26.61 11.40
C GLY A 332 -7.98 26.17 10.36
N ALA A 333 -7.71 25.05 9.68
CA ALA A 333 -8.69 24.50 8.75
C ALA A 333 -9.95 24.07 9.50
N ILE A 334 -9.78 23.47 10.67
CA ILE A 334 -10.93 22.99 11.43
C ILE A 334 -11.79 24.15 11.89
N GLN A 335 -11.16 25.17 12.48
CA GLN A 335 -11.90 26.34 12.93
C GLN A 335 -12.58 27.07 11.76
N GLY A 336 -11.87 27.22 10.63
CA GLY A 336 -12.49 27.86 9.48
C GLY A 336 -13.69 27.10 8.97
N GLY A 337 -13.55 25.79 8.79
CA GLY A 337 -14.66 25.00 8.29
C GLY A 337 -15.86 25.02 9.23
N ARG A 338 -15.61 24.92 10.53
CA ARG A 338 -16.69 25.01 11.51
C ARG A 338 -17.37 26.39 11.45
N TYR A 339 -16.58 27.45 11.30
CA TYR A 339 -17.15 28.79 11.15
C TYR A 339 -18.06 28.89 9.94
N ALA A 340 -17.56 28.50 8.77
CA ALA A 340 -18.34 28.59 7.55
C ALA A 340 -19.61 27.75 7.64
N ALA A 341 -19.50 26.54 8.21
CA ALA A 341 -20.67 25.71 8.40
C ALA A 341 -21.70 26.35 9.32
N LYS A 342 -21.27 26.95 10.43
CA LYS A 342 -22.23 27.63 11.30
C LYS A 342 -22.87 28.84 10.63
N ILE A 343 -22.12 29.53 9.77
CA ILE A 343 -22.73 30.60 8.98
C ILE A 343 -23.84 30.04 8.10
N ILE A 344 -23.55 28.97 7.37
CA ILE A 344 -24.56 28.37 6.50
C ILE A 344 -25.78 27.95 7.32
N LYS A 345 -25.56 27.24 8.43
CA LYS A 345 -26.65 26.77 9.27
C LYS A 345 -27.55 27.91 9.76
N ARG A 346 -26.95 29.01 10.21
CA ARG A 346 -27.77 30.16 10.62
C ARG A 346 -28.54 30.72 9.44
N GLU A 347 -27.87 30.93 8.32
CA GLU A 347 -28.54 31.60 7.20
C GLU A 347 -29.71 30.76 6.70
N VAL A 348 -29.57 29.44 6.67
CA VAL A 348 -30.68 28.61 6.23
C VAL A 348 -31.77 28.51 7.30
N SER A 349 -31.40 28.51 8.58
CA SER A 349 -32.40 28.36 9.62
C SER A 349 -33.04 29.68 10.01
N GLY A 350 -32.43 30.80 9.65
CA GLY A 350 -32.93 32.10 10.05
C GLY A 350 -32.39 32.50 11.41
N THR A 351 -32.80 33.70 11.81
CA THR A 351 -32.30 34.33 13.04
C THR A 351 -30.78 34.53 12.96
N SER A 352 -30.27 34.69 11.74
CA SER A 352 -28.92 35.16 11.53
C SER A 352 -28.81 36.62 11.97
N PRO A 353 -27.63 37.05 12.42
CA PRO A 353 -27.36 38.50 12.48
C PRO A 353 -27.37 39.13 11.10
N LYS A 354 -27.64 40.44 11.08
CA LYS A 354 -27.68 41.18 9.83
C LYS A 354 -26.32 41.26 9.15
N ILE A 355 -25.23 41.25 9.92
CA ILE A 355 -23.89 41.23 9.36
C ILE A 355 -23.11 40.12 10.05
N ARG A 356 -22.41 39.29 9.26
CA ARG A 356 -21.64 38.20 9.85
C ARG A 356 -20.47 38.76 10.65
N THR A 357 -20.29 38.25 11.87
CA THR A 357 -19.08 38.54 12.65
C THR A 357 -17.83 37.96 11.99
N PRO A 358 -16.72 38.70 11.98
CA PRO A 358 -15.49 38.15 11.40
C PRO A 358 -15.06 36.83 12.03
N PHE A 359 -14.33 36.05 11.24
CA PHE A 359 -13.64 34.85 11.71
C PHE A 359 -12.48 35.22 12.62
N GLU A 360 -12.41 34.60 13.80
CA GLU A 360 -11.29 34.77 14.73
C GLU A 360 -10.62 33.43 14.99
N TYR A 361 -9.36 33.30 14.56
CA TYR A 361 -8.58 32.09 14.80
C TYR A 361 -8.16 32.05 16.25
N PHE A 362 -8.69 31.08 16.99
CA PHE A 362 -8.36 30.85 18.39
C PHE A 362 -7.12 29.96 18.45
N ASP A 363 -5.94 30.59 18.65
CA ASP A 363 -4.65 29.90 18.54
C ASP A 363 -4.47 28.90 19.68
N LYS A 364 -4.47 27.60 19.35
CA LYS A 364 -4.37 26.53 20.32
C LYS A 364 -2.99 25.89 20.34
N GLY A 365 -1.95 26.64 19.98
CA GLY A 365 -0.58 26.17 20.08
C GLY A 365 -0.17 25.23 18.95
N SER A 366 1.12 24.91 18.96
CA SER A 366 1.72 24.04 17.95
C SER A 366 2.83 23.23 18.59
N MET A 367 3.29 22.20 17.88
CA MET A 367 4.41 21.40 18.35
C MET A 367 4.96 20.58 17.18
N ALA A 368 6.23 20.19 17.28
CA ALA A 368 6.88 19.39 16.25
C ALA A 368 7.76 18.29 16.85
N THR A 369 7.69 17.10 16.26
CA THR A 369 8.59 15.99 16.61
C THR A 369 10.00 16.24 16.05
N VAL A 370 11.01 15.90 16.85
CA VAL A 370 12.39 15.78 16.35
C VAL A 370 12.80 14.34 16.16
N SER A 371 12.54 13.49 17.16
CA SER A 371 12.73 12.05 17.02
C SER A 371 12.16 11.38 18.26
N ARG A 372 12.45 10.09 18.41
CA ARG A 372 12.05 9.37 19.61
C ARG A 372 12.50 10.11 20.86
N PHE A 373 11.59 10.22 21.83
CA PHE A 373 11.82 10.92 23.09
C PHE A 373 12.20 12.39 22.93
N SER A 374 11.95 13.02 21.78
CA SER A 374 12.35 14.41 21.64
C SER A 374 11.39 15.14 20.70
N ALA A 375 10.76 16.18 21.23
CA ALA A 375 9.89 17.08 20.47
C ALA A 375 10.09 18.50 20.99
N VAL A 376 9.53 19.47 20.26
CA VAL A 376 9.49 20.86 20.69
C VAL A 376 8.05 21.37 20.64
N ALA A 377 7.68 22.19 21.61
CA ALA A 377 6.33 22.74 21.69
C ALA A 377 6.39 24.20 22.14
N LYS A 378 5.26 24.88 21.99
CA LYS A 378 5.11 26.28 22.41
C LYS A 378 3.63 26.57 22.56
N VAL A 379 3.22 27.01 23.75
CA VAL A 379 1.84 27.38 24.03
C VAL A 379 1.87 28.75 24.72
N GLY A 380 1.48 29.79 23.99
CA GLY A 380 1.59 31.13 24.51
C GLY A 380 3.02 31.46 24.91
N PRO A 381 3.27 31.79 26.18
CA PRO A 381 4.63 32.11 26.59
C PRO A 381 5.53 30.91 26.87
N VAL A 382 4.98 29.72 27.08
CA VAL A 382 5.78 28.58 27.49
C VAL A 382 6.27 27.80 26.28
N GLU A 383 7.41 27.13 26.45
CA GLU A 383 8.21 26.59 25.34
C GLU A 383 8.85 25.27 25.75
N PHE A 384 8.07 24.37 26.34
CA PHE A 384 8.62 23.11 26.82
C PHE A 384 9.13 22.28 25.66
N ALA A 385 10.13 21.44 25.95
CA ALA A 385 10.76 20.62 24.92
C ALA A 385 11.35 19.37 25.55
N GLY A 386 11.60 18.37 24.70
CA GLY A 386 12.07 17.06 25.14
C GLY A 386 11.01 16.02 25.47
N PHE A 387 11.33 15.09 26.38
CA PHE A 387 10.48 13.92 26.57
C PHE A 387 9.05 14.30 26.95
N PHE A 388 8.89 15.27 27.84
CA PHE A 388 7.55 15.69 28.24
C PHE A 388 6.79 16.22 27.03
N ALA A 389 7.51 16.89 26.12
CA ALA A 389 6.86 17.35 24.90
C ALA A 389 6.45 16.13 24.08
N TRP A 390 7.41 15.25 23.77
CA TRP A 390 7.13 14.12 22.88
C TRP A 390 5.93 13.32 23.36
N LEU A 391 5.80 13.15 24.69
CA LEU A 391 4.57 12.60 25.25
C LEU A 391 3.37 13.44 24.92
N CYS A 392 3.49 14.77 24.98
CA CYS A 392 2.33 15.60 24.66
C CYS A 392 1.93 15.42 23.21
N TRP A 393 2.91 15.40 22.31
CA TRP A 393 2.68 15.12 20.90
C TRP A 393 1.91 13.83 20.72
N LEU A 394 2.45 12.73 21.25
CA LEU A 394 1.83 11.43 21.03
C LEU A 394 0.40 11.40 21.56
N VAL A 395 0.19 11.89 22.78
CA VAL A 395 -1.16 11.88 23.34
C VAL A 395 -2.10 12.75 22.52
N LEU A 396 -1.60 13.87 22.02
CA LEU A 396 -2.48 14.79 21.30
C LEU A 396 -2.94 14.13 20.03
N HIS A 397 -2.00 13.76 19.17
CA HIS A 397 -2.39 13.16 17.90
C HIS A 397 -3.26 11.94 18.16
N LEU A 398 -2.83 11.07 19.07
CA LEU A 398 -3.55 9.83 19.35
C LEU A 398 -4.99 10.10 19.69
N VAL A 399 -5.29 11.27 20.26
CA VAL A 399 -6.68 11.59 20.55
C VAL A 399 -7.52 11.65 19.28
N TYR A 400 -6.92 12.03 18.14
CA TYR A 400 -7.71 12.31 16.94
C TYR A 400 -8.01 11.08 16.09
N LEU A 401 -7.16 10.06 16.08
CA LEU A 401 -7.36 8.92 15.18
C LEU A 401 -8.74 8.31 15.37
N VAL A 402 -9.41 8.04 14.25
CA VAL A 402 -10.81 7.63 14.27
C VAL A 402 -10.92 6.15 14.60
N GLY A 403 -11.84 5.82 15.51
CA GLY A 403 -12.10 4.46 15.94
C GLY A 403 -11.16 3.95 17.01
N PHE A 404 -11.72 3.37 18.07
CA PHE A 404 -10.93 2.99 19.23
C PHE A 404 -9.89 1.93 18.87
N LYS A 405 -10.26 0.94 18.03
CA LYS A 405 -9.30 -0.05 17.57
C LYS A 405 -8.07 0.60 16.95
N THR A 406 -8.29 1.60 16.08
CA THR A 406 -7.20 2.22 15.37
C THR A 406 -6.21 2.87 16.33
N LYS A 407 -6.74 3.51 17.38
CA LYS A 407 -5.90 4.04 18.46
C LYS A 407 -5.11 2.93 19.15
N ILE A 408 -5.78 1.82 19.46
CA ILE A 408 -5.10 0.74 20.16
C ILE A 408 -3.95 0.20 19.32
N VAL A 409 -4.22 -0.14 18.07
CA VAL A 409 -3.17 -0.71 17.22
C VAL A 409 -2.06 0.32 16.95
N THR A 410 -2.40 1.61 16.92
CA THR A 410 -1.39 2.66 16.86
C THR A 410 -0.49 2.61 18.10
N LEU A 411 -1.11 2.60 19.27
CA LEU A 411 -0.36 2.60 20.53
C LEU A 411 0.51 1.35 20.66
N LEU A 412 0.02 0.21 20.20
CA LEU A 412 0.86 -0.99 20.15
C LEU A 412 2.05 -0.81 19.21
N SER A 413 1.83 -0.19 18.06
CA SER A 413 2.94 -0.03 17.12
C SER A 413 3.99 0.94 17.63
N TRP A 414 3.57 2.04 18.25
CA TRP A 414 4.48 2.91 18.98
C TRP A 414 5.20 2.19 20.11
N GLY A 415 4.47 1.39 20.88
CA GLY A 415 5.08 0.62 21.95
C GLY A 415 6.26 -0.17 21.46
N VAL A 416 6.00 -1.03 20.47
CA VAL A 416 7.05 -1.90 19.96
C VAL A 416 8.17 -1.10 19.29
N THR A 417 7.84 -0.06 18.53
CA THR A 417 8.87 0.61 17.73
C THR A 417 9.67 1.64 18.51
N PHE A 418 9.16 2.15 19.64
CA PHE A 418 9.95 3.03 20.49
C PHE A 418 10.66 2.29 21.62
N LEU A 419 10.09 1.20 22.12
CA LEU A 419 10.77 0.40 23.13
C LEU A 419 11.73 -0.61 22.53
N SER A 420 11.57 -0.94 21.25
CA SER A 420 12.49 -1.86 20.59
C SER A 420 12.73 -1.38 19.17
N THR A 421 13.79 -1.94 18.58
CA THR A 421 14.28 -1.41 17.30
C THR A 421 13.36 -1.75 16.13
N LYS A 422 12.58 -2.83 16.23
CA LYS A 422 11.92 -3.34 15.05
C LYS A 422 10.72 -2.47 14.65
N ARG A 423 10.35 -2.59 13.37
CA ARG A 423 9.27 -1.85 12.76
C ARG A 423 8.33 -2.82 12.06
N GLY A 424 7.04 -2.51 12.07
CA GLY A 424 6.02 -3.42 11.57
C GLY A 424 5.80 -3.41 10.08
N GLN A 425 5.64 -2.23 9.47
CA GLN A 425 5.19 -2.08 8.09
C GLN A 425 6.32 -1.90 7.09
N LEU A 426 7.43 -2.60 7.26
CA LEU A 426 8.63 -2.39 6.44
C LEU A 426 8.52 -3.06 5.05
N THR A 427 7.35 -2.97 4.41
CA THR A 427 7.05 -3.67 3.17
C THR A 427 7.07 -2.70 2.01
N ILE A 428 7.72 -3.09 0.91
CA ILE A 428 7.87 -2.26 -0.28
C ILE A 428 7.74 -3.07 -1.57
N THR A 429 7.40 -2.38 -2.65
CA THR A 429 7.41 -2.97 -3.99
C THR A 429 7.94 -1.93 -4.99
N GLU A 430 8.51 -2.43 -6.10
CA GLU A 430 9.04 -1.53 -7.13
C GLU A 430 7.93 -0.75 -7.82
N GLN A 431 6.72 -1.31 -7.87
CA GLN A 431 5.58 -0.52 -8.36
C GLN A 431 5.33 0.67 -7.44
N GLN A 432 5.20 0.41 -6.15
CA GLN A 432 5.02 1.50 -5.19
C GLN A 432 6.17 2.50 -5.25
N ALA A 433 7.40 2.01 -5.41
CA ALA A 433 8.56 2.89 -5.42
C ALA A 433 8.75 3.70 -6.70
N TYR A 434 8.25 3.23 -7.85
CA TYR A 434 8.63 3.84 -9.12
C TYR A 434 7.51 4.06 -10.14
N ALA A 435 6.27 3.64 -9.86
CA ALA A 435 5.22 3.66 -10.89
C ALA A 435 4.99 5.05 -11.48
N ARG A 436 4.95 6.09 -10.64
CA ARG A 436 4.77 7.44 -11.17
C ARG A 436 5.99 7.91 -11.96
N THR A 437 7.19 7.62 -11.46
CA THR A 437 8.40 7.95 -12.20
C THR A 437 8.40 7.34 -13.60
N ARG A 438 8.13 6.05 -13.69
CA ARG A 438 8.20 5.37 -14.97
C ARG A 438 7.01 5.68 -15.87
N ILE A 439 5.80 5.81 -15.32
CA ILE A 439 4.65 6.18 -16.14
C ILE A 439 4.82 7.60 -16.69
N GLU A 440 5.35 8.54 -15.88
CA GLU A 440 5.56 9.88 -16.40
C GLU A 440 6.64 9.87 -17.47
N GLU A 441 7.70 9.08 -17.27
CA GLU A 441 8.70 8.89 -18.30
C GLU A 441 8.12 8.24 -19.57
N LEU A 442 7.01 7.52 -19.43
CA LEU A 442 6.34 6.89 -20.58
C LEU A 442 5.15 7.66 -21.13
N GLU A 443 4.65 8.68 -20.43
CA GLU A 443 3.49 9.43 -20.92
C GLU A 443 3.85 10.56 -21.87
N GLU A 444 4.76 10.29 -22.81
CA GLU A 444 5.19 11.29 -23.80
C GLU A 444 5.69 10.67 -25.10
N SER B 2 29.50 -10.84 -14.45
CA SER B 2 30.78 -10.29 -13.92
C SER B 2 30.76 -10.12 -12.42
N HIS B 3 30.02 -9.12 -11.96
CA HIS B 3 29.99 -8.84 -10.53
C HIS B 3 29.32 -9.99 -9.78
N PRO B 4 29.91 -10.45 -8.66
CA PRO B 4 29.28 -11.54 -7.91
C PRO B 4 28.05 -11.08 -7.14
N GLY B 5 27.95 -9.80 -6.83
CA GLY B 5 26.76 -9.27 -6.20
C GLY B 5 26.50 -9.87 -4.84
N ALA B 6 27.55 -10.33 -4.17
CA ALA B 6 27.40 -10.97 -2.87
C ALA B 6 28.76 -11.01 -2.19
N THR B 7 28.75 -11.29 -0.89
CA THR B 7 29.99 -11.46 -0.16
C THR B 7 30.76 -12.67 -0.66
N ALA B 8 32.09 -12.56 -0.60
CA ALA B 8 32.98 -13.65 -0.96
C ALA B 8 32.95 -14.75 0.10
N SER B 9 33.40 -15.93 -0.29
CA SER B 9 33.26 -17.12 0.56
C SER B 9 34.45 -18.03 0.30
N ASP B 10 34.72 -18.87 1.29
CA ASP B 10 35.71 -19.93 1.20
C ASP B 10 35.14 -21.26 1.68
N ARG B 11 33.84 -21.31 1.93
CA ARG B 11 33.11 -22.50 2.34
C ARG B 11 32.23 -22.99 1.20
N HIS B 12 31.54 -24.09 1.46
CA HIS B 12 30.52 -24.55 0.53
C HIS B 12 29.44 -23.49 0.38
N LYS B 13 29.13 -23.12 -0.88
CA LYS B 13 28.23 -22.00 -1.17
C LYS B 13 26.86 -22.50 -1.60
N VAL B 14 25.83 -22.10 -0.87
CA VAL B 14 24.43 -22.43 -1.16
C VAL B 14 23.75 -21.16 -1.66
N VAL B 15 23.12 -21.24 -2.83
CA VAL B 15 22.28 -20.16 -3.34
C VAL B 15 20.82 -20.61 -3.38
N ILE B 16 19.95 -19.84 -2.72
CA ILE B 16 18.52 -20.10 -2.65
C ILE B 16 17.80 -19.08 -3.53
N ILE B 17 16.93 -19.56 -4.41
CA ILE B 17 16.16 -18.71 -5.30
C ILE B 17 14.73 -18.65 -4.81
N GLY B 18 14.24 -17.43 -4.58
CA GLY B 18 12.91 -17.21 -4.04
C GLY B 18 12.89 -17.29 -2.53
N SER B 19 12.03 -16.49 -1.90
CA SER B 19 12.04 -16.30 -0.45
C SER B 19 10.70 -16.63 0.19
N GLY B 20 9.76 -17.17 -0.58
CA GLY B 20 8.58 -17.81 0.00
C GLY B 20 8.89 -19.04 0.83
N PHE B 21 7.83 -19.71 1.28
CA PHE B 21 7.92 -20.85 2.19
C PHE B 21 9.16 -21.70 1.98
N GLY B 22 9.28 -22.36 0.83
CA GLY B 22 10.35 -23.34 0.64
C GLY B 22 11.73 -22.75 0.86
N GLY B 23 12.02 -21.64 0.20
CA GLY B 23 13.33 -21.02 0.31
C GLY B 23 13.64 -20.57 1.73
N LEU B 24 12.69 -19.91 2.38
CA LEU B 24 12.91 -19.46 3.74
C LEU B 24 13.06 -20.64 4.70
N THR B 25 12.33 -21.72 4.47
CA THR B 25 12.45 -22.89 5.33
C THR B 25 13.81 -23.55 5.19
N ALA B 26 14.33 -23.63 3.96
CA ALA B 26 15.71 -24.11 3.78
C ALA B 26 16.71 -23.18 4.44
N ALA B 27 16.52 -21.87 4.26
CA ALA B 27 17.41 -20.91 4.90
C ALA B 27 17.43 -21.08 6.41
N LYS B 28 16.26 -21.16 7.03
CA LYS B 28 16.22 -21.38 8.48
C LYS B 28 16.83 -22.72 8.84
N THR B 29 16.68 -23.74 7.97
CA THR B 29 17.17 -25.07 8.30
C THR B 29 18.69 -25.12 8.24
N LEU B 30 19.33 -24.22 7.51
CA LEU B 30 20.78 -24.15 7.44
C LEU B 30 21.39 -23.29 8.55
N LYS B 31 20.59 -22.87 9.53
CA LYS B 31 21.02 -21.84 10.47
C LYS B 31 22.32 -22.15 11.19
N ARG B 32 22.67 -23.43 11.38
CA ARG B 32 23.97 -23.77 11.94
C ARG B 32 24.74 -24.77 11.09
N ALA B 33 24.37 -24.92 9.82
CA ALA B 33 25.17 -25.75 8.93
C ALA B 33 26.43 -24.99 8.56
N ASP B 34 27.46 -25.74 8.17
CA ASP B 34 28.76 -25.15 7.80
C ASP B 34 28.80 -24.70 6.35
N VAL B 35 27.85 -23.85 5.97
CA VAL B 35 27.69 -23.40 4.61
C VAL B 35 27.47 -21.90 4.61
N ASP B 36 27.77 -21.27 3.47
CA ASP B 36 27.41 -19.88 3.26
C ASP B 36 26.20 -19.84 2.33
N VAL B 37 25.14 -19.18 2.77
CA VAL B 37 23.86 -19.15 2.07
C VAL B 37 23.64 -17.77 1.46
N LYS B 38 23.33 -17.74 0.17
CA LYS B 38 22.74 -16.56 -0.47
C LYS B 38 21.29 -16.87 -0.80
N LEU B 39 20.40 -15.95 -0.43
CA LEU B 39 18.98 -16.07 -0.73
C LEU B 39 18.55 -14.91 -1.64
N ILE B 40 18.29 -15.22 -2.90
CA ILE B 40 17.95 -14.23 -3.92
C ILE B 40 16.46 -14.33 -4.17
N ALA B 41 15.75 -13.21 -4.04
CA ALA B 41 14.31 -13.23 -4.27
C ALA B 41 13.85 -11.89 -4.82
N ARG B 42 12.74 -11.94 -5.56
CA ARG B 42 12.24 -10.76 -6.25
C ARG B 42 11.74 -9.66 -5.32
N THR B 43 11.42 -9.99 -4.07
CA THR B 43 10.83 -9.02 -3.17
C THR B 43 11.40 -9.21 -1.77
N THR B 44 11.46 -8.10 -1.03
CA THR B 44 11.98 -8.11 0.33
C THR B 44 11.12 -8.92 1.30
N HIS B 45 9.81 -8.96 1.07
CA HIS B 45 8.89 -9.58 2.01
C HIS B 45 8.66 -11.07 1.74
N HIS B 46 8.42 -11.82 2.83
CA HIS B 46 7.98 -13.21 2.80
C HIS B 46 6.45 -13.23 2.84
N LEU B 47 5.83 -13.27 1.67
CA LEU B 47 4.39 -13.09 1.57
C LEU B 47 3.65 -14.31 2.07
N PHE B 48 2.84 -14.13 3.11
CA PHE B 48 2.02 -15.21 3.68
C PHE B 48 0.74 -15.31 2.85
N GLN B 49 0.89 -15.86 1.65
CA GLN B 49 -0.18 -15.90 0.67
C GLN B 49 -1.55 -16.39 1.14
N PRO B 50 -1.65 -17.30 2.11
CA PRO B 50 -2.98 -17.76 2.51
C PRO B 50 -3.94 -16.65 2.91
N LEU B 51 -3.45 -15.63 3.60
CA LEU B 51 -4.27 -14.50 4.03
C LEU B 51 -4.36 -13.41 2.99
N LEU B 52 -3.83 -13.64 1.79
CA LEU B 52 -3.75 -12.57 0.80
C LEU B 52 -5.13 -12.03 0.45
N TYR B 53 -6.16 -12.88 0.46
CA TYR B 53 -7.54 -12.41 0.23
C TYR B 53 -8.01 -11.42 1.29
N GLN B 54 -7.42 -11.43 2.49
CA GLN B 54 -7.86 -10.49 3.51
C GLN B 54 -7.37 -9.09 3.19
N VAL B 55 -6.09 -8.95 2.84
CA VAL B 55 -5.59 -7.63 2.45
C VAL B 55 -6.23 -7.24 1.13
N ALA B 56 -6.51 -8.21 0.27
CA ALA B 56 -7.26 -7.94 -0.95
C ALA B 56 -8.68 -7.47 -0.66
N THR B 57 -9.20 -7.69 0.56
CA THR B 57 -10.56 -7.26 0.90
C THR B 57 -10.60 -6.43 2.18
N GLY B 58 -9.48 -5.82 2.56
CA GLY B 58 -9.45 -4.81 3.61
C GLY B 58 -9.51 -5.29 5.04
N ILE B 59 -9.41 -6.60 5.29
CA ILE B 59 -9.48 -7.08 6.67
C ILE B 59 -8.18 -6.78 7.41
N ILE B 60 -7.05 -6.70 6.72
CA ILE B 60 -5.73 -6.75 7.35
C ILE B 60 -4.78 -5.89 6.53
N SER B 61 -3.70 -5.45 7.17
CA SER B 61 -2.74 -4.59 6.48
C SER B 61 -1.66 -5.42 5.80
N GLU B 62 -0.87 -4.73 4.97
CA GLU B 62 0.31 -5.31 4.34
C GLU B 62 1.27 -5.95 5.36
N GLY B 63 1.66 -5.18 6.37
CA GLY B 63 2.72 -5.62 7.27
C GLY B 63 2.37 -6.78 8.17
N GLU B 64 1.09 -7.14 8.27
CA GLU B 64 0.71 -8.39 8.94
C GLU B 64 1.12 -9.62 8.15
N ILE B 65 1.14 -9.55 6.82
CA ILE B 65 1.38 -10.72 5.99
C ILE B 65 2.68 -10.67 5.21
N ALA B 66 3.37 -9.53 5.16
CA ALA B 66 4.55 -9.36 4.31
C ALA B 66 5.75 -8.91 5.15
N PRO B 67 6.16 -9.72 6.12
CA PRO B 67 7.34 -9.37 6.92
C PRO B 67 8.60 -9.37 6.09
N ALA B 68 9.52 -8.49 6.47
CA ALA B 68 10.77 -8.37 5.73
C ALA B 68 11.69 -9.54 6.04
N THR B 69 12.15 -10.21 5.00
CA THR B 69 13.02 -11.37 5.15
C THR B 69 14.31 -11.03 5.90
N ARG B 70 14.81 -9.80 5.73
CA ARG B 70 15.98 -9.34 6.48
C ARG B 70 15.77 -9.34 7.98
N VAL B 71 14.56 -9.06 8.44
CA VAL B 71 14.28 -9.11 9.87
C VAL B 71 14.14 -10.55 10.37
N ILE B 72 13.63 -11.45 9.54
CA ILE B 72 13.49 -12.86 9.92
C ILE B 72 14.86 -13.51 10.08
N LEU B 73 15.72 -13.41 9.05
CA LEU B 73 17.05 -14.01 9.10
C LEU B 73 18.07 -13.14 9.79
N ARG B 74 17.62 -12.11 10.52
CA ARG B 74 18.51 -11.11 11.12
C ARG B 74 19.70 -11.76 11.82
N LYS B 75 19.44 -12.70 12.70
CA LYS B 75 20.49 -13.28 13.53
C LYS B 75 21.27 -14.40 12.86
N GLN B 76 20.89 -14.82 11.64
CA GLN B 76 21.54 -15.95 11.00
C GLN B 76 22.80 -15.47 10.26
N LYS B 77 23.93 -15.54 10.94
CA LYS B 77 25.20 -15.03 10.43
C LYS B 77 25.66 -15.72 9.14
N ASN B 78 25.20 -16.94 8.89
CA ASN B 78 25.53 -17.63 7.64
C ASN B 78 24.88 -17.00 6.41
N ALA B 79 23.74 -16.35 6.57
CA ALA B 79 22.85 -16.07 5.46
C ALA B 79 22.86 -14.59 5.11
N GLN B 80 23.16 -14.28 3.85
CA GLN B 80 23.00 -12.94 3.29
C GLN B 80 21.77 -12.95 2.38
N VAL B 81 20.77 -12.16 2.73
CA VAL B 81 19.63 -11.92 1.84
C VAL B 81 20.02 -10.95 0.74
N LEU B 82 19.54 -11.18 -0.48
CA LEU B 82 19.80 -10.31 -1.62
C LEU B 82 18.50 -10.05 -2.35
N LEU B 83 18.29 -8.80 -2.76
CA LEU B 83 17.23 -8.47 -3.68
C LEU B 83 17.67 -8.74 -5.10
N GLY B 84 16.75 -9.24 -5.91
CA GLY B 84 16.99 -9.38 -7.32
C GLY B 84 16.03 -10.33 -7.98
N ASP B 85 15.86 -10.15 -9.28
CA ASP B 85 15.10 -11.04 -10.14
C ASP B 85 16.08 -11.91 -10.91
N VAL B 86 15.91 -13.22 -10.80
CA VAL B 86 16.80 -14.16 -11.49
C VAL B 86 16.46 -14.15 -12.97
N THR B 87 17.42 -13.71 -13.79
CA THR B 87 17.27 -13.68 -15.25
C THR B 87 17.64 -14.99 -15.91
N HIS B 88 18.63 -15.70 -15.37
CA HIS B 88 19.16 -16.90 -16.00
C HIS B 88 19.89 -17.71 -14.91
N ILE B 89 20.01 -19.01 -15.17
CA ILE B 89 20.73 -19.93 -14.30
C ILE B 89 21.63 -20.79 -15.18
N ASP B 90 22.90 -20.90 -14.79
CA ASP B 90 23.87 -21.68 -15.55
C ASP B 90 24.23 -22.94 -14.77
N LEU B 91 23.93 -24.11 -15.35
CA LEU B 91 24.18 -25.37 -14.67
C LEU B 91 25.62 -25.85 -14.84
N GLU B 92 26.34 -25.31 -15.82
CA GLU B 92 27.71 -25.72 -16.12
C GLU B 92 28.74 -24.74 -15.57
N ASN B 93 28.50 -23.44 -15.72
CA ASN B 93 29.37 -22.45 -15.09
C ASN B 93 29.03 -22.20 -13.63
N LYS B 94 27.93 -22.77 -13.14
CA LYS B 94 27.54 -22.66 -11.74
C LYS B 94 27.37 -21.21 -11.30
N THR B 95 26.60 -20.44 -12.07
CA THR B 95 26.27 -19.08 -11.67
C THR B 95 24.77 -18.88 -11.76
N VAL B 96 24.25 -18.04 -10.86
CA VAL B 96 22.90 -17.50 -10.93
C VAL B 96 22.96 -16.05 -11.39
N ASP B 97 22.27 -15.72 -12.48
CA ASP B 97 22.35 -14.41 -13.10
C ASP B 97 21.05 -13.65 -12.85
N SER B 98 21.16 -12.49 -12.18
CA SER B 98 19.99 -11.76 -11.71
C SER B 98 20.20 -10.29 -11.95
N VAL B 99 19.11 -9.53 -11.94
CA VAL B 99 19.13 -8.11 -12.27
C VAL B 99 18.48 -7.33 -11.14
N LEU B 100 19.01 -6.13 -10.88
CA LEU B 100 18.43 -5.22 -9.88
C LEU B 100 18.62 -3.79 -10.37
N LEU B 101 17.50 -3.12 -10.66
CA LEU B 101 17.49 -1.77 -11.20
C LEU B 101 18.50 -1.62 -12.34
N GLY B 102 18.50 -2.60 -13.25
CA GLY B 102 19.35 -2.57 -14.40
C GLY B 102 20.79 -2.97 -14.17
N HIS B 103 21.18 -3.26 -12.93
CA HIS B 103 22.46 -3.88 -12.66
C HIS B 103 22.36 -5.39 -12.73
N THR B 104 23.41 -6.02 -13.24
CA THR B 104 23.49 -7.46 -13.45
C THR B 104 24.48 -8.09 -12.48
N TYR B 105 24.08 -9.18 -11.85
CA TYR B 105 24.90 -9.93 -10.92
C TYR B 105 24.84 -11.42 -11.28
N SER B 106 25.98 -12.11 -11.13
CA SER B 106 26.12 -13.52 -11.52
C SER B 106 26.74 -14.28 -10.34
N THR B 107 25.92 -14.62 -9.36
CA THR B 107 26.42 -15.19 -8.12
C THR B 107 26.81 -16.66 -8.30
N PRO B 108 28.05 -17.04 -7.99
CA PRO B 108 28.42 -18.46 -8.01
C PRO B 108 27.63 -19.25 -6.99
N TYR B 109 27.49 -20.55 -7.25
CA TYR B 109 26.91 -21.46 -6.26
C TYR B 109 27.63 -22.79 -6.32
N ASP B 110 27.57 -23.50 -5.19
CA ASP B 110 27.94 -24.91 -5.13
C ASP B 110 26.75 -25.84 -5.05
N SER B 111 25.60 -25.36 -4.58
CA SER B 111 24.34 -26.07 -4.68
C SER B 111 23.21 -25.06 -4.73
N LEU B 112 22.09 -25.46 -5.32
CA LEU B 112 20.92 -24.60 -5.43
C LEU B 112 19.72 -25.22 -4.73
N ILE B 113 18.94 -24.37 -4.08
CA ILE B 113 17.54 -24.64 -3.80
C ILE B 113 16.73 -23.64 -4.61
N ILE B 114 15.92 -24.15 -5.54
CA ILE B 114 15.08 -23.34 -6.41
C ILE B 114 13.65 -23.44 -5.93
N ALA B 115 13.09 -22.32 -5.48
CA ALA B 115 11.77 -22.26 -4.90
C ALA B 115 10.96 -21.13 -5.52
N ALA B 116 11.08 -20.96 -6.84
CA ALA B 116 10.46 -19.84 -7.53
C ALA B 116 8.94 -19.93 -7.60
N GLY B 117 8.34 -21.07 -7.28
CA GLY B 117 6.90 -21.13 -7.15
C GLY B 117 6.17 -21.04 -8.48
N ALA B 118 4.86 -20.81 -8.37
CA ALA B 118 3.95 -20.82 -9.50
C ALA B 118 2.86 -19.77 -9.29
N GLY B 119 2.23 -19.37 -10.38
CA GLY B 119 1.12 -18.44 -10.32
C GLY B 119 -0.06 -18.92 -11.15
N GLN B 120 -1.07 -18.07 -11.32
CA GLN B 120 -2.23 -18.45 -12.10
C GLN B 120 -1.85 -18.65 -13.58
N SER B 121 -2.77 -19.24 -14.33
CA SER B 121 -2.60 -19.41 -15.76
C SER B 121 -3.90 -19.05 -16.48
N TYR B 122 -3.76 -18.36 -17.60
CA TYR B 122 -4.86 -17.98 -18.49
C TYR B 122 -5.05 -18.97 -19.64
N PHE B 123 -4.35 -20.11 -19.61
CA PHE B 123 -4.45 -21.15 -20.63
C PHE B 123 -4.15 -20.63 -22.04
N GLY B 124 -3.18 -19.73 -22.15
CA GLY B 124 -2.79 -19.18 -23.43
C GLY B 124 -3.53 -17.93 -23.86
N ASN B 125 -4.65 -17.61 -23.22
CA ASN B 125 -5.33 -16.36 -23.49
C ASN B 125 -4.64 -15.22 -22.75
N ASP B 126 -3.32 -15.17 -22.87
CA ASP B 126 -2.49 -14.42 -21.93
C ASP B 126 -2.80 -12.93 -21.91
N HIS B 127 -3.39 -12.39 -22.98
CA HIS B 127 -3.81 -10.99 -22.98
C HIS B 127 -4.94 -10.70 -22.00
N PHE B 128 -5.64 -11.72 -21.49
CA PHE B 128 -6.64 -11.48 -20.47
C PHE B 128 -6.07 -10.77 -19.23
N ALA B 129 -4.77 -10.88 -18.99
CA ALA B 129 -4.16 -10.20 -17.85
C ALA B 129 -4.34 -8.69 -17.89
N GLU B 130 -4.71 -8.13 -19.03
CA GLU B 130 -5.04 -6.70 -19.07
C GLU B 130 -6.30 -6.38 -18.30
N PHE B 131 -7.24 -7.33 -18.24
CA PHE B 131 -8.58 -7.08 -17.72
C PHE B 131 -8.95 -7.85 -16.47
N ALA B 132 -8.22 -8.89 -16.10
CA ALA B 132 -8.56 -9.71 -14.92
C ALA B 132 -7.30 -10.18 -14.22
N PRO B 133 -6.81 -9.40 -13.25
CA PRO B 133 -5.66 -9.83 -12.45
C PRO B 133 -5.99 -10.96 -11.48
N GLY B 134 -4.92 -11.65 -11.02
CA GLY B 134 -5.09 -12.85 -10.22
C GLY B 134 -4.54 -12.81 -8.81
N MET B 135 -4.34 -11.60 -8.26
CA MET B 135 -3.64 -11.36 -7.00
C MET B 135 -2.32 -12.16 -7.00
N LYS B 136 -2.06 -12.99 -5.99
CA LYS B 136 -0.80 -13.71 -5.81
C LYS B 136 0.39 -12.79 -5.62
N SER B 137 0.17 -11.49 -5.45
CA SER B 137 1.21 -10.61 -4.94
C SER B 137 0.54 -9.47 -4.18
N ILE B 138 1.33 -8.82 -3.33
CA ILE B 138 0.85 -7.64 -2.61
C ILE B 138 0.35 -6.57 -3.57
N ASP B 139 1.10 -6.33 -4.66
CA ASP B 139 0.69 -5.35 -5.66
C ASP B 139 -0.67 -5.69 -6.26
N ASP B 140 -0.85 -6.94 -6.64
CA ASP B 140 -2.10 -7.37 -7.27
C ASP B 140 -3.25 -7.39 -6.28
N ALA B 141 -2.96 -7.67 -5.00
CA ALA B 141 -4.02 -7.61 -3.99
C ALA B 141 -4.48 -6.17 -3.76
N LEU B 142 -3.55 -5.23 -3.69
CA LEU B 142 -3.97 -3.82 -3.59
C LEU B 142 -4.67 -3.35 -4.86
N GLU B 143 -4.23 -3.81 -6.03
CA GLU B 143 -4.96 -3.54 -7.27
C GLU B 143 -6.40 -4.05 -7.22
N LEU B 144 -6.60 -5.27 -6.72
CA LEU B 144 -7.96 -5.77 -6.54
C LEU B 144 -8.76 -4.95 -5.53
N ARG B 145 -8.18 -4.65 -4.37
CA ARG B 145 -8.90 -3.81 -3.42
C ARG B 145 -9.33 -2.50 -4.05
N GLY B 146 -8.43 -1.92 -4.85
CA GLY B 146 -8.73 -0.71 -5.61
C GLY B 146 -9.92 -0.86 -6.53
N ARG B 147 -9.94 -1.93 -7.34
CA ARG B 147 -11.07 -2.12 -8.24
C ARG B 147 -12.36 -2.41 -7.48
N ILE B 148 -12.32 -3.31 -6.50
CA ILE B 148 -13.58 -3.74 -5.91
C ILE B 148 -14.24 -2.61 -5.12
N LEU B 149 -13.46 -1.71 -4.50
CA LEU B 149 -14.10 -0.49 -3.97
C LEU B 149 -14.44 0.54 -5.05
N GLY B 150 -13.52 0.75 -6.01
CA GLY B 150 -13.74 1.76 -7.02
C GLY B 150 -14.95 1.51 -7.89
N ALA B 151 -15.36 0.25 -8.02
CA ALA B 151 -16.60 0.00 -8.74
C ALA B 151 -17.81 0.61 -8.03
N PHE B 152 -17.89 0.48 -6.71
CA PHE B 152 -19.01 1.12 -6.00
C PHE B 152 -18.91 2.63 -6.07
N GLU B 153 -17.68 3.16 -5.94
CA GLU B 153 -17.53 4.61 -6.01
C GLU B 153 -17.96 5.14 -7.39
N GLN B 154 -17.63 4.42 -8.46
CA GLN B 154 -18.15 4.80 -9.76
C GLN B 154 -19.66 4.58 -9.84
N ALA B 155 -20.17 3.56 -9.15
CA ALA B 155 -21.56 3.19 -9.28
C ALA B 155 -22.50 4.23 -8.68
N GLU B 156 -22.09 4.98 -7.67
CA GLU B 156 -22.99 6.03 -7.18
C GLU B 156 -23.18 7.13 -8.21
N ARG B 157 -22.11 7.52 -8.91
CA ARG B 157 -22.14 8.64 -9.85
C ARG B 157 -22.56 8.19 -11.24
N SER B 158 -23.72 7.54 -11.36
CA SER B 158 -24.20 7.11 -12.66
C SER B 158 -25.73 7.12 -12.68
N SER B 159 -26.27 7.97 -13.55
CA SER B 159 -27.69 7.95 -13.91
C SER B 159 -28.07 6.76 -14.78
N ASP B 160 -27.12 6.11 -15.44
CA ASP B 160 -27.35 4.96 -16.30
C ASP B 160 -27.53 3.66 -15.50
N PRO B 161 -28.72 3.07 -15.48
CA PRO B 161 -28.90 1.82 -14.73
C PRO B 161 -28.09 0.65 -15.27
N VAL B 162 -27.87 0.59 -16.59
CA VAL B 162 -27.11 -0.52 -17.17
C VAL B 162 -25.64 -0.43 -16.78
N ARG B 163 -25.09 0.79 -16.76
CA ARG B 163 -23.74 0.98 -16.23
C ARG B 163 -23.64 0.61 -14.76
N ARG B 164 -24.64 0.97 -13.96
CA ARG B 164 -24.61 0.56 -12.55
C ARG B 164 -24.61 -0.96 -12.42
N ALA B 165 -25.49 -1.63 -13.17
CA ALA B 165 -25.51 -3.09 -13.16
C ALA B 165 -24.17 -3.67 -13.58
N LYS B 166 -23.53 -3.08 -14.59
CA LYS B 166 -22.20 -3.52 -15.01
C LYS B 166 -21.16 -3.32 -13.91
N LEU B 167 -21.23 -2.21 -13.18
CA LEU B 167 -20.26 -1.95 -12.13
C LEU B 167 -20.50 -2.82 -10.91
N LEU B 168 -21.77 -3.04 -10.55
CA LEU B 168 -22.14 -3.81 -9.37
C LEU B 168 -22.20 -5.31 -9.62
N THR B 169 -21.67 -5.81 -10.71
CA THR B 169 -21.53 -7.24 -10.92
C THR B 169 -20.05 -7.61 -10.93
N PHE B 170 -19.65 -8.42 -9.95
CA PHE B 170 -18.27 -8.86 -9.78
C PHE B 170 -18.17 -10.31 -10.22
N THR B 171 -17.18 -10.60 -11.06
CA THR B 171 -16.96 -11.94 -11.61
C THR B 171 -15.65 -12.53 -11.07
N VAL B 172 -15.75 -13.70 -10.44
CA VAL B 172 -14.60 -14.48 -10.00
C VAL B 172 -14.51 -15.71 -10.89
N VAL B 173 -13.35 -15.94 -11.48
CA VAL B 173 -13.13 -17.07 -12.36
C VAL B 173 -12.27 -18.09 -11.63
N GLY B 174 -12.66 -19.36 -11.70
CA GLY B 174 -12.01 -20.42 -10.98
C GLY B 174 -12.64 -20.68 -9.63
N ALA B 175 -12.92 -21.96 -9.36
CA ALA B 175 -13.53 -22.40 -8.10
C ALA B 175 -12.53 -23.17 -7.23
N GLY B 176 -11.25 -22.85 -7.35
CA GLY B 176 -10.28 -23.25 -6.37
C GLY B 176 -10.39 -22.45 -5.09
N PRO B 177 -9.55 -22.80 -4.12
CA PRO B 177 -9.65 -22.14 -2.80
C PRO B 177 -9.68 -20.63 -2.88
N THR B 178 -8.77 -20.05 -3.65
CA THR B 178 -8.68 -18.61 -3.80
C THR B 178 -9.96 -18.00 -4.39
N GLY B 179 -10.57 -18.70 -5.35
CA GLY B 179 -11.82 -18.21 -5.92
C GLY B 179 -12.98 -18.23 -4.95
N VAL B 180 -13.09 -19.28 -4.14
CA VAL B 180 -14.14 -19.32 -3.12
C VAL B 180 -13.89 -18.27 -2.06
N GLU B 181 -12.64 -18.10 -1.66
CA GLU B 181 -12.26 -17.04 -0.73
C GLU B 181 -12.68 -15.66 -1.24
N MET B 182 -12.30 -15.32 -2.48
CA MET B 182 -12.62 -14.01 -3.02
C MET B 182 -14.11 -13.79 -3.22
N ALA B 183 -14.81 -14.76 -3.81
CA ALA B 183 -16.25 -14.59 -3.95
C ALA B 183 -16.94 -14.46 -2.59
N GLY B 184 -16.46 -15.19 -1.59
CA GLY B 184 -16.99 -15.04 -0.25
C GLY B 184 -16.78 -13.66 0.33
N GLN B 185 -15.52 -13.19 0.34
CA GLN B 185 -15.27 -11.90 0.96
C GLN B 185 -15.90 -10.76 0.17
N ILE B 186 -15.89 -10.81 -1.17
CA ILE B 186 -16.56 -9.76 -1.95
C ILE B 186 -18.05 -9.74 -1.65
N ALA B 187 -18.66 -10.92 -1.46
CA ALA B 187 -20.07 -10.95 -1.10
C ALA B 187 -20.34 -10.42 0.30
N GLU B 188 -19.48 -10.76 1.27
CA GLU B 188 -19.61 -10.15 2.59
C GLU B 188 -19.44 -8.63 2.53
N LEU B 189 -18.41 -8.19 1.81
CA LEU B 189 -18.09 -6.76 1.74
C LEU B 189 -19.26 -5.98 1.16
N ALA B 190 -19.83 -6.49 0.07
CA ALA B 190 -20.98 -5.82 -0.54
C ALA B 190 -22.23 -5.94 0.32
N ASP B 191 -22.41 -7.04 1.04
CA ASP B 191 -23.60 -7.24 1.85
C ASP B 191 -23.59 -6.47 3.17
N GLN B 192 -22.47 -6.43 3.89
CA GLN B 192 -22.45 -6.03 5.30
C GLN B 192 -21.61 -4.80 5.59
N THR B 193 -20.40 -4.71 5.04
CA THR B 193 -19.53 -3.57 5.36
C THR B 193 -20.08 -2.28 4.77
N LEU B 194 -20.48 -2.31 3.50
CA LEU B 194 -20.94 -1.11 2.82
C LEU B 194 -22.41 -0.79 3.09
N ARG B 195 -23.09 -1.57 3.94
CA ARG B 195 -24.55 -1.68 3.88
C ARG B 195 -25.23 -0.32 3.95
N GLY B 196 -24.70 0.58 4.78
CA GLY B 196 -25.29 1.89 4.92
C GLY B 196 -24.52 3.06 4.34
N SER B 197 -23.42 2.79 3.64
CA SER B 197 -22.46 3.83 3.32
C SER B 197 -22.74 4.46 1.96
N PHE B 198 -23.86 4.09 1.33
CA PHE B 198 -24.17 4.56 -0.01
C PHE B 198 -25.64 4.96 -0.07
N ARG B 199 -25.95 5.90 -0.96
CA ARG B 199 -27.26 6.56 -0.91
C ARG B 199 -27.96 6.59 -2.26
N HIS B 200 -27.21 6.52 -3.37
CA HIS B 200 -27.83 6.31 -4.67
C HIS B 200 -28.03 4.84 -5.00
N ILE B 201 -27.32 3.94 -4.34
CA ILE B 201 -27.37 2.50 -4.63
C ILE B 201 -27.49 1.77 -3.30
N ASP B 202 -28.00 0.54 -3.36
CA ASP B 202 -27.85 -0.38 -2.25
C ASP B 202 -26.80 -1.42 -2.60
N PRO B 203 -25.64 -1.43 -1.93
CA PRO B 203 -24.63 -2.47 -2.23
C PRO B 203 -25.14 -3.89 -2.05
N THR B 204 -26.17 -4.11 -1.24
CA THR B 204 -26.76 -5.45 -1.14
C THR B 204 -27.37 -5.92 -2.46
N GLU B 205 -27.62 -5.04 -3.41
CA GLU B 205 -28.05 -5.46 -4.74
C GLU B 205 -26.91 -5.89 -5.67
N ALA B 206 -25.66 -5.83 -5.22
CA ALA B 206 -24.54 -6.31 -6.02
C ALA B 206 -24.61 -7.81 -6.27
N ARG B 207 -24.22 -8.23 -7.47
CA ARG B 207 -24.09 -9.64 -7.82
C ARG B 207 -22.62 -10.05 -7.81
N VAL B 208 -22.33 -11.18 -7.16
CA VAL B 208 -21.04 -11.86 -7.28
C VAL B 208 -21.27 -13.19 -8.00
N ILE B 209 -20.55 -13.39 -9.10
CA ILE B 209 -20.63 -14.60 -9.91
C ILE B 209 -19.32 -15.37 -9.80
N LEU B 210 -19.40 -16.64 -9.46
CA LEU B 210 -18.25 -17.53 -9.41
C LEU B 210 -18.30 -18.48 -10.59
N LEU B 211 -17.31 -18.37 -11.49
CA LEU B 211 -17.26 -19.16 -12.72
C LEU B 211 -16.16 -20.20 -12.58
N ASP B 212 -16.46 -21.44 -12.96
CA ASP B 212 -15.39 -22.36 -13.30
C ASP B 212 -15.89 -23.35 -14.35
N ALA B 213 -14.96 -23.84 -15.17
CA ALA B 213 -15.26 -24.94 -16.09
C ALA B 213 -15.23 -26.31 -15.42
N ALA B 214 -14.57 -26.42 -14.27
CA ALA B 214 -14.61 -27.65 -13.51
C ALA B 214 -16.04 -28.01 -13.13
N PRO B 215 -16.33 -29.29 -12.95
CA PRO B 215 -17.70 -29.70 -12.61
C PRO B 215 -18.06 -29.51 -11.14
N ALA B 216 -17.08 -29.29 -10.26
CA ALA B 216 -17.39 -29.20 -8.83
C ALA B 216 -16.44 -28.24 -8.16
N VAL B 217 -16.94 -27.61 -7.10
CA VAL B 217 -16.15 -26.70 -6.27
C VAL B 217 -15.15 -27.47 -5.42
N LEU B 218 -13.95 -26.90 -5.26
CA LEU B 218 -12.87 -27.53 -4.51
C LEU B 218 -12.67 -28.97 -4.97
N PRO B 219 -12.29 -29.18 -6.21
CA PRO B 219 -12.08 -30.53 -6.74
C PRO B 219 -11.30 -31.41 -5.79
N PRO B 220 -10.23 -30.92 -5.14
CA PRO B 220 -9.45 -31.80 -4.26
C PRO B 220 -10.10 -32.17 -2.93
N MET B 221 -11.27 -31.67 -2.57
CA MET B 221 -11.88 -32.02 -1.28
C MET B 221 -13.09 -32.94 -1.43
N GLY B 222 -13.39 -33.39 -2.65
CA GLY B 222 -14.47 -34.32 -2.89
C GLY B 222 -15.86 -33.73 -2.82
N GLU B 223 -16.82 -34.62 -3.11
CA GLU B 223 -18.20 -34.22 -3.37
C GLU B 223 -18.89 -33.64 -2.15
N LYS B 224 -18.65 -34.20 -0.96
CA LYS B 224 -19.40 -33.76 0.21
C LYS B 224 -19.04 -32.34 0.60
N LEU B 225 -17.75 -32.11 0.84
CA LEU B 225 -17.30 -30.77 1.21
C LEU B 225 -17.52 -29.77 0.09
N GLY B 226 -17.34 -30.18 -1.17
CA GLY B 226 -17.67 -29.31 -2.28
C GLY B 226 -19.13 -28.87 -2.28
N LYS B 227 -20.05 -29.83 -2.19
CA LYS B 227 -21.47 -29.51 -2.19
C LYS B 227 -21.84 -28.63 -1.01
N LYS B 228 -21.27 -28.89 0.16
CA LYS B 228 -21.57 -28.05 1.32
C LYS B 228 -21.03 -26.62 1.14
N ALA B 229 -19.81 -26.48 0.62
CA ALA B 229 -19.29 -25.15 0.33
C ALA B 229 -20.14 -24.43 -0.71
N ARG B 230 -20.51 -25.11 -1.79
CA ARG B 230 -21.39 -24.51 -2.79
C ARG B 230 -22.72 -24.07 -2.20
N ALA B 231 -23.34 -24.92 -1.37
CA ALA B 231 -24.59 -24.57 -0.72
C ALA B 231 -24.43 -23.38 0.23
N ARG B 232 -23.28 -23.25 0.87
CA ARG B 232 -23.01 -22.07 1.69
C ARG B 232 -22.87 -20.82 0.83
N LEU B 233 -22.06 -20.88 -0.23
CA LEU B 233 -21.95 -19.74 -1.13
C LEU B 233 -23.30 -19.34 -1.73
N GLU B 234 -24.08 -20.33 -2.17
CA GLU B 234 -25.41 -20.05 -2.71
C GLU B 234 -26.37 -19.45 -1.67
N LYS B 235 -26.28 -19.90 -0.41
CA LYS B 235 -27.08 -19.27 0.64
C LYS B 235 -26.65 -17.84 0.89
N MET B 236 -25.37 -17.53 0.70
CA MET B 236 -24.92 -16.15 0.75
C MET B 236 -25.36 -15.36 -0.47
N GLY B 237 -25.96 -16.02 -1.46
CA GLY B 237 -26.40 -15.38 -2.68
C GLY B 237 -25.38 -15.28 -3.79
N VAL B 238 -24.21 -15.90 -3.62
CA VAL B 238 -23.26 -15.98 -4.73
C VAL B 238 -23.86 -16.90 -5.81
N GLU B 239 -23.83 -16.43 -7.05
CA GLU B 239 -24.28 -17.21 -8.21
C GLU B 239 -23.16 -18.12 -8.67
N VAL B 240 -23.22 -19.38 -8.28
CA VAL B 240 -22.21 -20.38 -8.66
C VAL B 240 -22.59 -20.99 -9.99
N GLN B 241 -21.76 -20.78 -11.00
CA GLN B 241 -21.97 -21.33 -12.34
C GLN B 241 -20.80 -22.25 -12.66
N LEU B 242 -21.10 -23.49 -13.02
CA LEU B 242 -20.11 -24.54 -13.16
C LEU B 242 -20.24 -25.15 -14.55
N GLY B 243 -19.14 -25.71 -15.07
CA GLY B 243 -19.11 -26.17 -16.44
C GLY B 243 -19.16 -25.06 -17.48
N ALA B 244 -18.75 -23.86 -17.12
CA ALA B 244 -18.73 -22.71 -18.01
C ALA B 244 -17.28 -22.32 -18.28
N MET B 245 -16.86 -22.38 -19.54
CA MET B 245 -15.49 -22.07 -19.92
C MET B 245 -15.48 -20.68 -20.55
N VAL B 246 -14.54 -19.85 -20.12
CA VAL B 246 -14.38 -18.51 -20.68
C VAL B 246 -13.85 -18.60 -22.10
N THR B 247 -14.50 -17.87 -23.02
CA THR B 247 -14.01 -17.75 -24.39
C THR B 247 -13.38 -16.40 -24.68
N ASP B 248 -13.82 -15.32 -24.02
CA ASP B 248 -13.18 -14.03 -24.19
C ASP B 248 -13.40 -13.17 -22.95
N VAL B 249 -12.48 -12.24 -22.73
CA VAL B 249 -12.54 -11.32 -21.60
C VAL B 249 -12.21 -9.93 -22.09
N ASP B 250 -12.96 -8.92 -21.63
CA ASP B 250 -12.66 -7.54 -21.97
C ASP B 250 -13.05 -6.62 -20.83
N ARG B 251 -12.73 -5.33 -21.01
CA ARG B 251 -13.00 -4.33 -19.99
C ARG B 251 -14.48 -4.22 -19.63
N ASN B 252 -15.37 -4.60 -20.55
CA ASN B 252 -16.80 -4.53 -20.26
C ASN B 252 -17.38 -5.79 -19.65
N GLY B 253 -16.80 -6.96 -19.88
CA GLY B 253 -17.45 -8.18 -19.43
C GLY B 253 -16.69 -9.43 -19.84
N ILE B 254 -17.39 -10.56 -19.76
CA ILE B 254 -16.85 -11.87 -20.07
C ILE B 254 -17.87 -12.63 -20.89
N THR B 255 -17.41 -13.35 -21.90
CA THR B 255 -18.22 -14.32 -22.60
C THR B 255 -17.81 -15.73 -22.18
N VAL B 256 -18.80 -16.57 -21.86
CA VAL B 256 -18.55 -17.94 -21.46
C VAL B 256 -19.31 -18.86 -22.41
N LYS B 257 -18.72 -20.01 -22.70
CA LYS B 257 -19.41 -21.12 -23.35
C LYS B 257 -19.47 -22.27 -22.35
N ASP B 258 -20.67 -22.78 -22.09
CA ASP B 258 -20.89 -23.89 -21.19
C ASP B 258 -21.04 -25.19 -21.97
N SER B 259 -21.19 -26.29 -21.22
CA SER B 259 -21.13 -27.62 -21.83
C SER B 259 -22.14 -27.81 -22.94
N ASP B 260 -23.28 -27.11 -22.87
CA ASP B 260 -24.26 -27.20 -23.94
C ASP B 260 -23.99 -26.25 -25.10
N GLY B 261 -22.87 -25.51 -25.09
CA GLY B 261 -22.59 -24.61 -26.18
C GLY B 261 -23.38 -23.32 -26.19
N THR B 262 -24.19 -23.06 -25.16
CA THR B 262 -25.04 -21.86 -25.14
C THR B 262 -24.15 -20.65 -24.81
N ILE B 263 -23.36 -20.25 -25.82
CA ILE B 263 -22.54 -19.06 -25.73
C ILE B 263 -23.38 -17.91 -25.20
N ARG B 264 -22.89 -17.26 -24.15
CA ARG B 264 -23.54 -16.11 -23.54
C ARG B 264 -22.48 -15.14 -23.06
N ARG B 265 -22.91 -13.91 -22.75
CA ARG B 265 -22.05 -12.86 -22.23
C ARG B 265 -22.46 -12.45 -20.82
N ILE B 266 -21.47 -12.18 -19.99
CA ILE B 266 -21.65 -11.57 -18.67
C ILE B 266 -21.05 -10.18 -18.71
N GLU B 267 -21.91 -9.17 -18.54
CA GLU B 267 -21.44 -7.80 -18.35
C GLU B 267 -20.96 -7.64 -16.91
N SER B 268 -19.69 -7.26 -16.75
CA SER B 268 -19.09 -7.23 -15.41
C SER B 268 -17.82 -6.40 -15.48
N ALA B 269 -17.78 -5.29 -14.75
CA ALA B 269 -16.63 -4.41 -14.80
C ALA B 269 -15.40 -5.01 -14.12
N CYS B 270 -15.58 -5.60 -12.95
CA CYS B 270 -14.47 -6.12 -12.16
C CYS B 270 -14.42 -7.64 -12.22
N LYS B 271 -13.26 -8.15 -12.60
CA LYS B 271 -13.06 -9.57 -12.83
C LYS B 271 -11.78 -10.01 -12.12
N VAL B 272 -11.85 -11.17 -11.48
CA VAL B 272 -10.72 -11.77 -10.76
C VAL B 272 -10.41 -13.11 -11.41
N TRP B 273 -9.15 -13.30 -11.80
CA TRP B 273 -8.72 -14.53 -12.48
C TRP B 273 -7.89 -15.40 -11.55
N SER B 274 -8.57 -16.27 -10.80
CA SER B 274 -7.94 -17.20 -9.87
C SER B 274 -7.59 -18.54 -10.50
N ALA B 275 -8.01 -18.79 -11.74
CA ALA B 275 -7.95 -20.11 -12.34
C ALA B 275 -6.52 -20.52 -12.73
N GLY B 276 -6.34 -21.84 -12.82
CA GLY B 276 -5.13 -22.45 -13.34
C GLY B 276 -3.86 -22.30 -12.51
N VAL B 277 -2.79 -22.84 -13.07
CA VAL B 277 -1.44 -22.77 -12.51
C VAL B 277 -0.42 -22.61 -13.62
N SER B 278 0.70 -21.97 -13.30
CA SER B 278 1.81 -21.81 -14.25
C SER B 278 3.09 -21.63 -13.46
N ALA B 279 4.03 -22.56 -13.59
CA ALA B 279 5.28 -22.49 -12.87
C ALA B 279 6.17 -21.34 -13.36
N SER B 280 7.15 -20.99 -12.52
CA SER B 280 8.16 -20.01 -12.90
C SER B 280 8.83 -20.40 -14.22
N PRO B 281 8.98 -19.46 -15.16
CA PRO B 281 9.72 -19.73 -16.41
C PRO B 281 11.11 -20.34 -16.26
N LEU B 282 11.70 -20.25 -15.07
CA LEU B 282 13.00 -20.88 -14.82
C LEU B 282 12.99 -22.37 -15.19
N GLY B 283 11.82 -22.99 -15.15
CA GLY B 283 11.72 -24.36 -15.62
C GLY B 283 12.18 -24.53 -17.05
N LYS B 284 11.98 -23.50 -17.89
CA LYS B 284 12.44 -23.60 -19.27
C LYS B 284 13.95 -23.70 -19.37
N ASP B 285 14.68 -22.85 -18.64
CA ASP B 285 16.13 -22.90 -18.67
C ASP B 285 16.65 -24.21 -18.10
N LEU B 286 15.97 -24.72 -17.07
CA LEU B 286 16.32 -26.04 -16.55
C LEU B 286 16.08 -27.13 -17.59
N ALA B 287 14.94 -27.10 -18.27
CA ALA B 287 14.64 -28.09 -19.28
C ALA B 287 15.67 -28.06 -20.41
N GLU B 288 16.07 -26.86 -20.84
CA GLU B 288 17.08 -26.72 -21.88
C GLU B 288 18.43 -27.27 -21.46
N GLN B 289 18.86 -27.05 -20.21
CA GLN B 289 20.19 -27.49 -19.84
C GLN B 289 20.25 -28.94 -19.39
N SER B 290 19.24 -29.42 -18.66
CA SER B 290 19.24 -30.77 -18.11
C SER B 290 18.44 -31.75 -18.95
N GLY B 291 17.54 -31.25 -19.79
CA GLY B 291 16.61 -32.14 -20.48
C GLY B 291 15.51 -32.68 -19.60
N VAL B 292 15.35 -32.16 -18.38
CA VAL B 292 14.28 -32.64 -17.51
C VAL B 292 12.94 -32.35 -18.17
N GLU B 293 11.97 -33.24 -17.93
CA GLU B 293 10.61 -32.99 -18.40
C GLU B 293 9.98 -31.85 -17.62
N LEU B 294 9.14 -31.09 -18.32
CA LEU B 294 8.13 -30.25 -17.69
C LEU B 294 6.76 -30.83 -17.96
N ASP B 295 5.93 -30.92 -16.93
CA ASP B 295 4.52 -31.22 -17.15
C ASP B 295 3.83 -30.01 -17.77
N ARG B 296 2.59 -30.20 -18.18
CA ARG B 296 1.72 -29.05 -18.37
C ARG B 296 1.76 -28.17 -17.13
N ALA B 297 1.65 -26.86 -17.34
CA ALA B 297 1.98 -25.81 -16.38
C ALA B 297 3.46 -25.73 -16.03
N GLY B 298 4.33 -26.49 -16.71
CA GLY B 298 5.75 -26.21 -16.66
C GLY B 298 6.47 -26.67 -15.41
N ARG B 299 5.81 -27.40 -14.53
CA ARG B 299 6.47 -27.88 -13.32
C ARG B 299 7.52 -28.94 -13.64
N VAL B 300 8.66 -28.83 -12.97
CA VAL B 300 9.81 -29.68 -13.24
C VAL B 300 9.55 -31.07 -12.67
N LYS B 301 9.70 -32.09 -13.51
CA LYS B 301 9.59 -33.49 -13.10
C LYS B 301 10.88 -33.90 -12.40
N VAL B 302 11.04 -33.38 -11.18
CA VAL B 302 12.25 -33.67 -10.42
C VAL B 302 12.37 -35.17 -10.17
N GLN B 303 13.60 -35.60 -9.95
CA GLN B 303 13.89 -36.97 -9.56
C GLN B 303 13.43 -37.23 -8.12
N PRO B 304 13.43 -38.49 -7.69
CA PRO B 304 12.92 -38.80 -6.34
C PRO B 304 13.59 -38.03 -5.22
N ASP B 305 14.82 -37.56 -5.41
CA ASP B 305 15.46 -36.72 -4.41
C ASP B 305 15.39 -35.23 -4.75
N LEU B 306 14.40 -34.83 -5.55
CA LEU B 306 14.18 -33.45 -5.95
C LEU B 306 15.34 -32.86 -6.74
N THR B 307 16.32 -33.65 -7.13
CA THR B 307 17.41 -33.14 -7.94
C THR B 307 17.01 -33.05 -9.40
N LEU B 308 17.74 -32.21 -10.15
CA LEU B 308 17.73 -32.35 -11.59
C LEU B 308 18.46 -33.63 -11.98
N PRO B 309 18.01 -34.32 -13.03
CA PRO B 309 18.85 -35.35 -13.62
C PRO B 309 20.20 -34.77 -14.02
N GLY B 310 21.25 -35.55 -13.76
CA GLY B 310 22.60 -35.17 -14.14
C GLY B 310 23.26 -34.11 -13.27
N HIS B 311 22.49 -33.19 -12.69
CA HIS B 311 23.06 -32.15 -11.82
C HIS B 311 22.51 -32.38 -10.41
N PRO B 312 23.03 -33.38 -9.69
CA PRO B 312 22.68 -33.53 -8.28
C PRO B 312 23.14 -32.34 -7.46
N ASN B 313 22.50 -32.19 -6.29
CA ASN B 313 22.63 -31.04 -5.41
C ASN B 313 22.22 -29.73 -6.07
N VAL B 314 21.49 -29.79 -7.19
CA VAL B 314 20.59 -28.71 -7.59
C VAL B 314 19.18 -29.23 -7.32
N PHE B 315 18.47 -28.56 -6.43
CA PHE B 315 17.16 -29.00 -5.97
C PHE B 315 16.09 -28.01 -6.43
N VAL B 316 14.95 -28.54 -6.88
CA VAL B 316 13.76 -27.76 -7.14
C VAL B 316 12.69 -28.19 -6.15
N VAL B 317 12.07 -27.22 -5.47
CA VAL B 317 11.19 -27.48 -4.34
C VAL B 317 9.95 -26.60 -4.43
N GLY B 318 8.91 -27.02 -3.70
CA GLY B 318 7.64 -26.31 -3.68
C GLY B 318 6.87 -26.40 -4.98
N ASP B 319 6.03 -25.39 -5.21
CA ASP B 319 5.07 -25.46 -6.31
C ASP B 319 5.75 -25.50 -7.67
N MET B 320 7.06 -25.23 -7.73
CA MET B 320 7.82 -25.38 -8.97
C MET B 320 8.07 -26.82 -9.33
N ALA B 321 7.96 -27.74 -8.37
CA ALA B 321 8.32 -29.13 -8.58
C ALA B 321 7.06 -29.95 -8.81
N ALA B 322 7.10 -30.79 -9.85
CA ALA B 322 6.03 -31.75 -10.16
C ALA B 322 6.25 -33.08 -9.43
N VAL B 323 6.35 -33.00 -8.11
CA VAL B 323 6.47 -34.22 -7.31
C VAL B 323 5.16 -35.01 -7.42
N GLU B 324 5.29 -36.33 -7.55
CA GLU B 324 4.13 -37.18 -7.78
C GLU B 324 3.16 -37.15 -6.62
N GLY B 325 1.90 -36.82 -6.92
CA GLY B 325 0.83 -36.83 -5.93
C GLY B 325 0.86 -35.73 -4.89
N VAL B 326 1.99 -35.07 -4.72
CA VAL B 326 2.12 -34.00 -3.74
C VAL B 326 1.28 -32.80 -4.18
N PRO B 327 0.36 -32.32 -3.34
CA PRO B 327 -0.45 -31.16 -3.73
C PRO B 327 0.33 -29.87 -3.61
N GLY B 328 -0.10 -28.88 -4.39
CA GLY B 328 0.47 -27.55 -4.34
C GLY B 328 0.00 -26.74 -3.15
N VAL B 329 0.58 -27.01 -1.98
CA VAL B 329 0.16 -26.40 -0.72
C VAL B 329 1.40 -26.07 0.08
N ALA B 330 1.20 -25.26 1.13
CA ALA B 330 2.33 -24.78 1.92
C ALA B 330 3.18 -25.94 2.43
N GLN B 331 2.56 -26.89 3.13
CA GLN B 331 3.36 -27.92 3.79
C GLN B 331 4.21 -28.69 2.80
N GLY B 332 3.85 -28.68 1.52
CA GLY B 332 4.69 -29.32 0.51
C GLY B 332 5.96 -28.54 0.23
N ALA B 333 5.85 -27.23 0.10
CA ALA B 333 7.04 -26.40 -0.04
C ALA B 333 7.91 -26.47 1.20
N ILE B 334 7.28 -26.43 2.38
CA ILE B 334 8.05 -26.40 3.62
C ILE B 334 8.79 -27.72 3.80
N GLN B 335 8.13 -28.84 3.54
CA GLN B 335 8.78 -30.14 3.64
C GLN B 335 9.84 -30.33 2.56
N GLY B 336 9.58 -29.90 1.33
CA GLY B 336 10.59 -30.02 0.29
C GLY B 336 11.85 -29.22 0.61
N GLY B 337 11.67 -27.97 1.03
CA GLY B 337 12.81 -27.17 1.43
C GLY B 337 13.57 -27.74 2.62
N ARG B 338 12.84 -28.19 3.64
CA ARG B 338 13.50 -28.81 4.78
C ARG B 338 14.26 -30.07 4.38
N TYR B 339 13.69 -30.88 3.49
CA TYR B 339 14.37 -32.06 2.99
C TYR B 339 15.67 -31.71 2.27
N ALA B 340 15.59 -30.78 1.31
CA ALA B 340 16.79 -30.37 0.59
C ALA B 340 17.86 -29.82 1.53
N ALA B 341 17.44 -29.00 2.49
CA ALA B 341 18.36 -28.47 3.49
C ALA B 341 19.02 -29.56 4.31
N LYS B 342 18.22 -30.53 4.78
CA LYS B 342 18.79 -31.64 5.53
C LYS B 342 19.81 -32.42 4.70
N ILE B 343 19.52 -32.62 3.42
CA ILE B 343 20.47 -33.28 2.53
C ILE B 343 21.78 -32.51 2.47
N ILE B 344 21.69 -31.20 2.22
CA ILE B 344 22.90 -30.40 2.10
C ILE B 344 23.71 -30.42 3.40
N LYS B 345 23.04 -30.23 4.53
CA LYS B 345 23.73 -30.27 5.82
C LYS B 345 24.43 -31.61 6.06
N ARG B 346 23.76 -32.72 5.75
CA ARG B 346 24.34 -34.04 5.95
C ARG B 346 25.54 -34.28 5.05
N GLU B 347 25.47 -33.82 3.79
CA GLU B 347 26.60 -33.99 2.89
C GLU B 347 27.79 -33.14 3.28
N VAL B 348 27.56 -31.87 3.63
CA VAL B 348 28.67 -30.99 3.98
C VAL B 348 29.37 -31.46 5.26
N SER B 349 28.60 -31.96 6.23
CA SER B 349 29.22 -32.54 7.41
C SER B 349 29.83 -33.91 7.16
N GLY B 350 29.70 -34.44 5.95
CA GLY B 350 30.38 -35.67 5.59
C GLY B 350 29.75 -36.94 6.06
N THR B 351 28.52 -36.89 6.56
CA THR B 351 27.81 -38.08 7.02
C THR B 351 26.85 -38.60 5.96
N SER B 352 27.12 -38.28 4.70
CA SER B 352 26.23 -38.65 3.62
C SER B 352 26.13 -40.17 3.49
N PRO B 353 24.92 -40.73 3.44
CA PRO B 353 24.77 -42.13 3.05
C PRO B 353 25.10 -42.34 1.59
N LYS B 354 25.35 -43.61 1.24
CA LYS B 354 25.69 -43.92 -0.14
C LYS B 354 24.54 -43.59 -1.08
N ILE B 355 23.31 -43.67 -0.61
CA ILE B 355 22.15 -43.30 -1.41
C ILE B 355 21.22 -42.43 -0.54
N ARG B 356 20.77 -41.32 -1.10
CA ARG B 356 19.78 -40.48 -0.42
C ARG B 356 18.41 -41.17 -0.40
N THR B 357 17.80 -41.23 0.77
CA THR B 357 16.43 -41.75 0.88
C THR B 357 15.43 -40.83 0.18
N PRO B 358 14.50 -41.39 -0.59
CA PRO B 358 13.50 -40.55 -1.27
C PRO B 358 12.74 -39.61 -0.33
N PHE B 359 12.30 -38.50 -0.89
CA PHE B 359 11.41 -37.55 -0.21
C PHE B 359 10.02 -38.16 -0.01
N GLU B 360 9.53 -38.11 1.23
CA GLU B 360 8.17 -38.54 1.55
C GLU B 360 7.37 -37.36 2.06
N TYR B 361 6.34 -36.96 1.30
CA TYR B 361 5.44 -35.89 1.73
C TYR B 361 4.53 -36.41 2.82
N PHE B 362 4.68 -35.87 4.02
CA PHE B 362 3.86 -36.24 5.17
C PHE B 362 2.60 -35.38 5.16
N ASP B 363 1.48 -35.94 4.70
CA ASP B 363 0.26 -35.17 4.46
C ASP B 363 -0.37 -34.74 5.77
N LYS B 364 -0.36 -33.43 6.03
CA LYS B 364 -0.88 -32.85 7.27
C LYS B 364 -2.24 -32.18 7.07
N GLY B 365 -3.02 -32.62 6.10
CA GLY B 365 -4.36 -32.12 5.90
C GLY B 365 -4.42 -30.81 5.15
N SER B 366 -5.66 -30.35 4.94
CA SER B 366 -5.93 -29.13 4.21
C SER B 366 -7.19 -28.48 4.74
N MET B 367 -7.40 -27.21 4.37
CA MET B 367 -8.58 -26.46 4.80
C MET B 367 -8.83 -25.34 3.82
N ALA B 368 -10.10 -24.96 3.67
CA ALA B 368 -10.47 -23.78 2.92
C ALA B 368 -11.57 -23.01 3.64
N THR B 369 -11.50 -21.69 3.60
CA THR B 369 -12.53 -20.82 4.15
C THR B 369 -13.60 -20.51 3.09
N VAL B 370 -14.87 -20.60 3.50
CA VAL B 370 -15.97 -20.11 2.66
C VAL B 370 -16.34 -18.67 3.03
N SER B 371 -16.53 -18.40 4.31
CA SER B 371 -16.89 -17.05 4.77
C SER B 371 -16.85 -17.05 6.29
N ARG B 372 -17.21 -15.90 6.86
CA ARG B 372 -17.39 -15.80 8.30
C ARG B 372 -18.17 -16.97 8.86
N PHE B 373 -17.63 -17.61 9.89
CA PHE B 373 -18.22 -18.78 10.53
C PHE B 373 -18.42 -19.97 9.59
N SER B 374 -17.65 -20.07 8.51
CA SER B 374 -17.84 -21.20 7.58
C SER B 374 -16.52 -21.51 6.92
N ALA B 375 -15.97 -22.67 7.25
CA ALA B 375 -14.82 -23.24 6.55
C ALA B 375 -15.09 -24.73 6.31
N VAL B 376 -14.20 -25.36 5.53
CA VAL B 376 -14.20 -26.80 5.34
C VAL B 376 -12.83 -27.39 5.64
N ALA B 377 -12.83 -28.63 6.12
CA ALA B 377 -11.59 -29.31 6.46
C ALA B 377 -11.71 -30.79 6.12
N LYS B 378 -10.56 -31.45 6.06
CA LYS B 378 -10.46 -32.89 5.85
C LYS B 378 -9.10 -33.33 6.37
N VAL B 379 -9.09 -34.27 7.32
CA VAL B 379 -7.84 -34.79 7.87
C VAL B 379 -7.89 -36.32 7.78
N GLY B 380 -7.19 -36.89 6.81
CA GLY B 380 -7.27 -38.31 6.59
C GLY B 380 -8.70 -38.74 6.32
N PRO B 381 -9.23 -39.66 7.14
CA PRO B 381 -10.63 -40.07 6.95
C PRO B 381 -11.67 -39.10 7.50
N VAL B 382 -11.26 -38.08 8.24
CA VAL B 382 -12.20 -37.22 8.95
C VAL B 382 -12.47 -35.99 8.10
N GLU B 383 -13.75 -35.65 7.92
CA GLU B 383 -14.16 -34.43 7.22
C GLU B 383 -15.11 -33.66 8.11
N PHE B 384 -14.84 -32.36 8.29
CA PHE B 384 -15.71 -31.50 9.08
C PHE B 384 -15.81 -30.13 8.40
N ALA B 385 -16.89 -29.43 8.72
CA ALA B 385 -17.21 -28.17 8.07
C ALA B 385 -17.97 -27.28 9.05
N GLY B 386 -18.00 -25.98 8.74
CA GLY B 386 -18.69 -25.00 9.55
C GLY B 386 -17.89 -24.32 10.64
N PHE B 387 -18.57 -23.85 11.70
CA PHE B 387 -17.92 -22.98 12.68
C PHE B 387 -16.68 -23.61 13.28
N PHE B 388 -16.75 -24.88 13.65
CA PHE B 388 -15.58 -25.50 14.26
C PHE B 388 -14.44 -25.55 13.26
N ALA B 389 -14.77 -25.67 11.97
CA ALA B 389 -13.72 -25.64 10.97
C ALA B 389 -13.14 -24.24 10.89
N TRP B 390 -13.99 -23.24 10.76
CA TRP B 390 -13.51 -21.86 10.62
C TRP B 390 -12.59 -21.48 11.76
N LEU B 391 -12.94 -21.89 12.98
CA LEU B 391 -12.02 -21.77 14.12
C LEU B 391 -10.71 -22.51 13.89
N CYS B 392 -10.77 -23.74 13.35
CA CYS B 392 -9.53 -24.51 13.21
C CYS B 392 -8.67 -23.99 12.07
N TRP B 393 -9.24 -23.13 11.24
CA TRP B 393 -8.48 -22.44 10.20
C TRP B 393 -7.84 -21.21 10.81
N LEU B 394 -8.65 -20.34 11.41
CA LEU B 394 -8.13 -19.11 11.98
C LEU B 394 -6.97 -19.42 12.91
N VAL B 395 -7.15 -20.40 13.80
CA VAL B 395 -6.09 -20.75 14.73
C VAL B 395 -4.85 -21.25 14.01
N LEU B 396 -5.04 -22.03 12.93
CA LEU B 396 -3.88 -22.61 12.25
C LEU B 396 -3.05 -21.52 11.62
N HIS B 397 -3.70 -20.62 10.90
CA HIS B 397 -2.94 -19.58 10.23
C HIS B 397 -2.33 -18.65 11.27
N LEU B 398 -3.14 -18.20 12.23
CA LEU B 398 -2.68 -17.29 13.27
C LEU B 398 -1.44 -17.81 13.99
N VAL B 399 -1.28 -19.13 14.06
CA VAL B 399 -0.05 -19.66 14.64
C VAL B 399 1.16 -19.29 13.81
N TYR B 400 1.02 -19.15 12.49
CA TYR B 400 2.18 -18.99 11.62
C TYR B 400 2.69 -17.56 11.51
N LEU B 401 1.82 -16.55 11.62
CA LEU B 401 2.24 -15.17 11.41
C LEU B 401 3.43 -14.80 12.27
N VAL B 402 4.38 -14.08 11.66
CA VAL B 402 5.66 -13.78 12.29
C VAL B 402 5.49 -12.64 13.28
N GLY B 403 5.97 -12.86 14.50
CA GLY B 403 5.99 -11.85 15.55
C GLY B 403 4.70 -11.72 16.33
N PHE B 404 4.84 -11.60 17.66
CA PHE B 404 3.69 -11.66 18.54
C PHE B 404 2.76 -10.47 18.34
N LYS B 405 3.31 -9.26 18.19
CA LYS B 405 2.50 -8.09 17.88
C LYS B 405 1.64 -8.31 16.64
N THR B 406 2.24 -8.87 15.59
CA THR B 406 1.52 -9.10 14.35
C THR B 406 0.31 -10.00 14.55
N LYS B 407 0.48 -11.05 15.35
CA LYS B 407 -0.64 -11.90 15.74
C LYS B 407 -1.70 -11.11 16.49
N ILE B 408 -1.27 -10.32 17.47
CA ILE B 408 -2.24 -9.59 18.29
C ILE B 408 -3.06 -8.64 17.42
N VAL B 409 -2.39 -7.84 16.58
CA VAL B 409 -3.13 -6.88 15.77
C VAL B 409 -3.99 -7.58 14.70
N THR B 410 -3.56 -8.76 14.24
CA THR B 410 -4.43 -9.59 13.40
C THR B 410 -5.68 -10.00 14.16
N LEU B 411 -5.50 -10.53 15.37
CA LEU B 411 -6.61 -10.99 16.18
C LEU B 411 -7.59 -9.86 16.51
N LEU B 412 -7.08 -8.67 16.78
CA LEU B 412 -7.96 -7.51 16.94
C LEU B 412 -8.73 -7.19 15.67
N SER B 413 -8.07 -7.30 14.52
CA SER B 413 -8.72 -6.96 13.26
C SER B 413 -9.81 -7.97 12.90
N TRP B 414 -9.56 -9.25 13.14
CA TRP B 414 -10.61 -10.27 13.04
C TRP B 414 -11.72 -10.02 14.06
N GLY B 415 -11.36 -9.71 15.31
CA GLY B 415 -12.37 -9.44 16.31
C GLY B 415 -13.39 -8.43 15.86
N VAL B 416 -12.92 -7.26 15.44
CA VAL B 416 -13.83 -6.23 14.97
C VAL B 416 -14.49 -6.62 13.65
N THR B 417 -13.75 -7.21 12.71
CA THR B 417 -14.31 -7.39 11.37
C THR B 417 -15.38 -8.47 11.36
N PHE B 418 -15.25 -9.51 12.19
CA PHE B 418 -16.25 -10.56 12.26
C PHE B 418 -17.34 -10.27 13.27
N LEU B 419 -17.04 -9.61 14.39
CA LEU B 419 -18.10 -9.26 15.32
C LEU B 419 -18.85 -7.99 14.93
N SER B 420 -18.29 -7.17 14.03
CA SER B 420 -18.90 -5.90 13.69
C SER B 420 -18.70 -5.62 12.21
N THR B 421 -19.65 -4.86 11.65
CA THR B 421 -19.67 -4.49 10.23
C THR B 421 -18.68 -3.37 9.91
N LYS B 422 -17.39 -3.63 10.13
CA LYS B 422 -16.40 -2.57 10.00
C LYS B 422 -15.06 -3.18 9.59
N ARG B 423 -14.66 -2.93 8.35
CA ARG B 423 -13.32 -3.23 7.85
C ARG B 423 -12.33 -2.13 8.24
N GLY B 424 -11.08 -2.53 8.52
CA GLY B 424 -9.98 -1.61 8.37
C GLY B 424 -9.58 -1.37 6.92
N GLN B 425 -8.41 -0.74 6.77
CA GLN B 425 -7.56 -0.83 5.59
C GLN B 425 -8.31 -0.48 4.29
N LEU B 426 -9.45 0.21 4.39
CA LEU B 426 -10.38 0.34 3.27
C LEU B 426 -10.06 1.53 2.36
N THR B 427 -8.79 1.72 2.01
CA THR B 427 -8.34 2.89 1.26
C THR B 427 -8.00 2.49 -0.17
N ILE B 428 -8.73 3.04 -1.14
CA ILE B 428 -8.26 3.06 -2.52
C ILE B 428 -7.14 4.08 -2.68
N THR B 429 -6.20 3.78 -3.57
CA THR B 429 -5.45 4.81 -4.30
C THR B 429 -5.48 4.49 -5.79
N GLU B 430 -5.79 5.51 -6.60
CA GLU B 430 -5.91 5.30 -8.05
C GLU B 430 -4.60 4.82 -8.68
N GLN B 431 -3.48 5.37 -8.20
CA GLN B 431 -2.16 4.89 -8.61
C GLN B 431 -2.06 3.37 -8.51
N GLN B 432 -2.32 2.83 -7.32
CA GLN B 432 -2.21 1.39 -7.15
C GLN B 432 -3.33 0.63 -7.85
N ALA B 433 -4.51 1.24 -8.00
CA ALA B 433 -5.58 0.55 -8.70
C ALA B 433 -5.34 0.40 -10.20
N TYR B 434 -4.53 1.27 -10.82
CA TYR B 434 -4.41 1.25 -12.28
C TYR B 434 -3.01 1.32 -12.86
N ALA B 435 -1.97 1.54 -12.06
CA ALA B 435 -0.61 1.71 -12.57
C ALA B 435 -0.17 0.58 -13.49
N ARG B 436 -0.42 -0.67 -13.11
CA ARG B 436 0.02 -1.80 -13.93
C ARG B 436 -0.66 -1.82 -15.30
N THR B 437 -1.98 -1.67 -15.33
CA THR B 437 -2.71 -1.70 -16.60
C THR B 437 -2.39 -0.50 -17.49
N ARG B 438 -2.29 0.69 -16.90
CA ARG B 438 -1.98 1.87 -17.71
C ARG B 438 -0.53 1.89 -18.19
N ILE B 439 0.43 1.48 -17.35
CA ILE B 439 1.81 1.39 -17.82
C ILE B 439 1.95 0.31 -18.89
N GLU B 440 1.18 -0.78 -18.78
CA GLU B 440 1.15 -1.77 -19.85
C GLU B 440 0.61 -1.15 -21.14
N GLU B 441 -0.43 -0.34 -21.04
CA GLU B 441 -0.97 0.37 -22.20
C GLU B 441 0.00 1.40 -22.78
N LEU B 442 0.84 2.01 -21.95
CA LEU B 442 1.77 3.04 -22.40
C LEU B 442 3.14 2.51 -22.82
N GLU B 443 3.54 1.32 -22.38
CA GLU B 443 4.86 0.76 -22.70
C GLU B 443 4.88 0.13 -24.10
N GLU B 444 4.66 0.98 -25.10
CA GLU B 444 4.67 0.53 -26.48
C GLU B 444 5.50 1.47 -27.36
#